data_6MG7
#
_entry.id   6MG7
#
_cell.length_a   174.827
_cell.length_b   42.231
_cell.length_c   119.754
_cell.angle_alpha   90.00
_cell.angle_beta   115.24
_cell.angle_gamma   90.00
#
_symmetry.space_group_name_H-M   'C 1 2 1'
#
loop_
_entity.id
_entity.type
_entity.pdbx_description
1 polymer 'clade A/E 93TH057 HIV-1 gp120 core'
2 polymer 'M48U1 CD4 mimetic peptide'
3 polymer 'CH54 Fab heavy chain'
4 polymer 'CH54 Fab light chain'
5 non-polymer 2-acetamido-2-deoxy-beta-D-glucopyranose
#
loop_
_entity_poly.entity_id
_entity_poly.type
_entity_poly.pdbx_seq_one_letter_code
_entity_poly.pdbx_strand_id
1 'polypeptide(L)'
;SDNLWVTVYYGVPVWKDADTTLFCASDAKAHETEVHNVWATHACVPTDPNPQEIHLENVTENFNMWKNNMVEQMQEDVIS
LWDQSLQPCVKLTGGSVIKQACPKISFDPIPIHYCTPAGYVILKCNDKNFNGTGPCKNVSSVQCTHGIKPVVSTQLLLNG
SLAEEEIIIRSENLTNNAKTIIVHLNKSVEINCTRPSNGGSGSGGDIRKAYCEINGTKWNKVLKQVTEKLKEHFNNKTII
FQPPSGGDLEITMHSFNCRGEFFYCNTTQLFNNTCIGNETMKGCNGTITLPCKIKQIINMWQGTGQAMYAPPIDGKINCV
SNITGILLTRDGGANNTSNETFRPGGGNIKDNWRSELYKYKVVQIEPLGIAPTKAKRRVVQREKR
;
G
2 'polypeptide(L)' (MPT)NLHFCQLRCKSLGLLGRCA(DPR)T(U2X)CACV(NH2) N
3 'polypeptide(L)'
;QVQLVQSGPEVKKPGTSMKISCKASGFTFTRSTMQWVRQARGQRLEWIGWIVVGSGNTNYAQKFQERVTITRDMSTSTAY
MELSSLRSEDTAVYYCAAAPVGPTSSDYWGQGTLVTVSSASTKGPSVFPLAPSSKSTSGGTAALGCLVKDYFPEPVTVSW
NSGALTSGVHTFPAVLQSSGLYSLSSVVTVPSSSLGTQTYICNVNHKPSNTKVDKRVEPK
;
H
4 'polypeptide(L)'
;DIQMTQSPSSLSASVGDRVTITCRASQSIINYLNWYQQKPGRAPKLLIYAASSLLSGVPSRFSGSGSGTDFTLTISSLQP
EDFATYYCQQSYSTPYTFGQGTKLEIKGQPKAAPSVTLFPPSSEELQANKATLVCLISDFYPGAVTVAWKADSSPVKAGV
ETTTPSKQSNNKYAASSYLSLTPEQWKSHRSYSCQVTHEGSTVEKTVAPT
;
L
#
loop_
_chem_comp.id
_chem_comp.type
_chem_comp.name
_chem_comp.formula
MPT non-polymer 'BETA-MERCAPTOPROPIONIC ACID' 'C3 H6 O2 S'
NAG D-saccharide, beta linking 2-acetamido-2-deoxy-beta-D-glucopyranose 'C8 H15 N O6'
NH2 non-polymer 'AMINO GROUP' 'H2 N'
#
# COMPACT_ATOMS: atom_id res chain seq x y z
N PRO A 13 14.14 -20.45 2.83
CA PRO A 13 12.67 -20.52 2.63
C PRO A 13 12.08 -19.13 2.31
N VAL A 14 10.93 -18.79 2.89
CA VAL A 14 10.40 -17.40 2.77
C VAL A 14 11.13 -16.53 3.77
N TRP A 15 11.51 -15.34 3.31
CA TRP A 15 12.20 -14.26 4.05
C TRP A 15 13.63 -14.66 4.45
N LYS A 16 14.48 -13.64 4.55
CA LYS A 16 15.91 -13.73 4.95
C LYS A 16 16.28 -12.44 5.67
N ASP A 17 17.26 -12.52 6.59
CA ASP A 17 17.78 -11.34 7.34
C ASP A 17 18.28 -10.31 6.33
N ALA A 18 17.76 -9.09 6.35
CA ALA A 18 18.10 -8.05 5.34
C ALA A 18 18.51 -6.73 5.99
N ASP A 19 19.19 -5.88 5.23
CA ASP A 19 19.62 -4.51 5.64
C ASP A 19 19.14 -3.52 4.60
N THR A 20 18.06 -2.82 4.88
CA THR A 20 17.50 -1.85 3.92
C THR A 20 17.17 -0.55 4.65
N THR A 21 17.15 0.55 3.91
CA THR A 21 16.81 1.87 4.48
C THR A 21 15.39 1.79 5.00
N LEU A 22 15.21 2.12 6.26
CA LEU A 22 13.87 2.11 6.86
C LEU A 22 13.30 3.51 6.73
N PHE A 23 12.07 3.64 6.25
CA PHE A 23 11.46 4.98 6.24
C PHE A 23 10.85 5.20 7.60
N CYS A 24 10.45 6.42 7.88
CA CYS A 24 9.86 6.76 9.19
C CYS A 24 8.45 7.31 9.02
N ALA A 25 7.65 7.12 10.05
CA ALA A 25 6.26 7.60 10.11
C ALA A 25 6.07 8.40 11.40
N SER A 26 5.19 9.38 11.34
CA SER A 26 5.00 10.35 12.43
C SER A 26 3.55 10.85 12.45
N ASP A 27 3.05 11.10 13.65
CA ASP A 27 1.77 11.83 13.87
C ASP A 27 2.12 13.29 14.16
N ALA A 28 3.07 13.84 13.40
CA ALA A 28 3.61 15.20 13.59
C ALA A 28 2.65 16.24 13.00
N LYS A 29 2.98 17.50 13.24
CA LYS A 29 2.24 18.68 12.73
C LYS A 29 3.27 19.59 12.03
N ALA A 30 3.03 19.93 10.76
CA ALA A 30 3.99 20.66 9.91
C ALA A 30 4.14 22.12 10.38
N HIS A 31 3.08 22.69 10.95
CA HIS A 31 2.99 24.12 11.37
C HIS A 31 3.57 24.30 12.77
N GLU A 32 3.92 23.21 13.45
CA GLU A 32 4.28 23.23 14.89
C GLU A 32 5.52 24.09 15.13
N THR A 33 5.74 24.41 16.39
CA THR A 33 6.93 25.16 16.84
C THR A 33 7.97 24.19 17.38
N GLU A 34 7.54 23.11 18.04
CA GLU A 34 8.46 22.02 18.51
C GLU A 34 9.32 21.60 17.33
N VAL A 35 10.61 21.38 17.55
CA VAL A 35 11.55 21.36 16.40
C VAL A 35 11.62 19.96 15.76
N HIS A 36 11.37 18.89 16.51
CA HIS A 36 11.32 17.53 15.91
C HIS A 36 10.28 17.54 14.79
N ASN A 37 9.27 18.40 14.92
CA ASN A 37 8.19 18.63 13.91
C ASN A 37 8.76 19.05 12.56
N VAL A 38 10.01 19.47 12.52
CA VAL A 38 10.63 19.99 11.27
C VAL A 38 11.57 18.92 10.71
N TRP A 39 11.93 17.92 11.52
CA TRP A 39 12.63 16.70 11.04
C TRP A 39 11.61 15.61 10.71
N ALA A 40 10.38 15.72 11.14
CA ALA A 40 9.31 14.81 10.69
C ALA A 40 8.41 15.49 9.66
N THR A 41 8.45 16.81 9.54
CA THR A 41 7.54 17.60 8.66
C THR A 41 7.59 16.98 7.25
N HIS A 42 8.78 16.77 6.73
CA HIS A 42 9.00 16.33 5.33
C HIS A 42 10.16 15.35 5.38
N ALA A 43 9.98 14.28 6.14
CA ALA A 43 10.97 13.19 6.29
C ALA A 43 10.28 11.95 6.85
N CYS A 44 9.14 12.13 7.52
CA CYS A 44 8.33 11.02 8.08
C CYS A 44 6.90 11.10 7.53
N VAL A 45 6.37 9.96 7.09
CA VAL A 45 5.00 9.86 6.50
C VAL A 45 3.97 9.96 7.61
N PRO A 46 2.73 10.41 7.32
CA PRO A 46 1.68 10.37 8.34
C PRO A 46 1.44 8.93 8.81
N THR A 47 1.20 8.75 10.11
CA THR A 47 1.12 7.39 10.72
C THR A 47 -0.18 6.71 10.28
N ASP A 48 -0.06 5.50 9.71
CA ASP A 48 -1.16 4.78 9.03
C ASP A 48 -2.27 4.47 10.04
N PRO A 49 -3.51 4.95 9.83
CA PRO A 49 -4.56 4.80 10.82
C PRO A 49 -5.17 3.39 10.88
N ASN A 50 -4.80 2.50 9.95
CA ASN A 50 -5.38 1.14 9.90
C ASN A 50 -4.26 0.11 9.74
N PRO A 51 -3.26 0.06 10.63
CA PRO A 51 -2.14 -0.86 10.43
C PRO A 51 -2.60 -2.32 10.50
N GLN A 52 -1.68 -3.25 10.28
CA GLN A 52 -1.97 -4.69 10.29
C GLN A 52 -0.76 -5.41 10.85
N GLU A 53 -1.00 -6.24 11.84
CA GLU A 53 -0.02 -7.24 12.32
C GLU A 53 -0.60 -8.61 12.07
N ILE A 54 0.24 -9.52 11.58
CA ILE A 54 -0.24 -10.88 11.21
C ILE A 54 0.56 -11.91 12.02
N HIS A 55 -0.14 -12.82 12.68
CA HIS A 55 0.48 -13.92 13.45
C HIS A 55 1.08 -14.92 12.48
N LEU A 56 2.30 -15.38 12.77
CA LEU A 56 2.99 -16.37 11.91
C LEU A 56 2.89 -17.72 12.61
N GLU A 57 1.97 -18.53 12.13
CA GLU A 57 1.52 -19.79 12.76
C GLU A 57 2.68 -20.78 12.78
N ASN A 58 2.81 -21.56 13.86
CA ASN A 58 3.90 -22.54 14.07
C ASN A 58 5.19 -22.01 13.45
N VAL A 59 5.70 -20.91 13.98
CA VAL A 59 7.04 -20.42 13.55
C VAL A 59 7.76 -19.86 14.77
N THR A 60 9.02 -20.22 14.86
CA THR A 60 9.98 -19.72 15.85
C THR A 60 11.08 -19.01 15.09
N GLU A 61 11.38 -17.77 15.44
CA GLU A 61 12.59 -17.14 14.88
C GLU A 61 13.42 -16.55 16.01
N ASN A 62 14.73 -16.52 15.81
CA ASN A 62 15.68 -16.09 16.85
C ASN A 62 16.06 -14.64 16.59
N PHE A 63 15.89 -13.78 17.60
CA PHE A 63 16.26 -12.35 17.53
C PHE A 63 17.57 -12.12 18.28
N ASN A 64 18.20 -10.99 18.01
CA ASN A 64 19.43 -10.56 18.74
C ASN A 64 19.42 -9.04 18.82
N MET A 65 18.88 -8.53 19.93
CA MET A 65 18.81 -7.09 20.29
C MET A 65 20.14 -6.38 19.99
N TRP A 66 21.26 -7.02 20.33
CA TRP A 66 22.59 -6.37 20.39
C TRP A 66 23.22 -6.23 19.01
N LYS A 67 22.64 -6.86 17.98
CA LYS A 67 23.23 -6.85 16.62
C LYS A 67 22.11 -6.72 15.60
N ASN A 68 21.54 -5.53 15.48
CA ASN A 68 20.52 -5.25 14.45
C ASN A 68 20.79 -3.83 13.95
N ASN A 69 20.54 -3.57 12.67
CA ASN A 69 21.01 -2.29 12.09
C ASN A 69 19.91 -1.25 12.17
N MET A 70 18.71 -1.63 12.59
CA MET A 70 17.66 -0.63 12.90
C MET A 70 18.20 0.34 13.95
N VAL A 71 18.94 -0.19 14.93
CA VAL A 71 19.64 0.63 15.96
C VAL A 71 20.52 1.68 15.26
N GLU A 72 21.27 1.27 14.24
CA GLU A 72 22.28 2.13 13.58
C GLU A 72 21.55 3.21 12.76
N GLN A 73 20.57 2.78 11.99
CA GLN A 73 19.66 3.68 11.25
C GLN A 73 19.22 4.78 12.21
N MET A 74 18.67 4.38 13.35
CA MET A 74 18.07 5.33 14.31
C MET A 74 19.16 6.28 14.85
N GLN A 75 20.36 5.78 15.15
CA GLN A 75 21.40 6.64 15.77
C GLN A 75 21.77 7.74 14.78
N GLU A 76 22.02 7.40 13.51
CA GLU A 76 22.42 8.42 12.50
C GLU A 76 21.21 9.33 12.23
N ASP A 77 19.99 8.79 12.32
CA ASP A 77 18.74 9.59 12.27
C ASP A 77 18.77 10.68 13.34
N VAL A 78 19.03 10.31 14.58
CA VAL A 78 18.95 11.25 15.73
C VAL A 78 20.13 12.20 15.65
N ILE A 79 21.28 11.74 15.17
CA ILE A 79 22.46 12.62 14.98
C ILE A 79 22.07 13.72 14.00
N SER A 80 21.37 13.37 12.92
CA SER A 80 20.91 14.34 11.89
C SER A 80 19.91 15.31 12.51
N LEU A 81 18.86 14.77 13.13
CA LEU A 81 17.84 15.57 13.88
C LEU A 81 18.56 16.60 14.74
N TRP A 82 19.55 16.14 15.52
CA TRP A 82 20.26 16.97 16.52
C TRP A 82 21.15 17.98 15.85
N ASP A 83 21.67 17.66 14.68
CA ASP A 83 22.59 18.58 13.97
C ASP A 83 21.76 19.74 13.43
N GLN A 84 20.69 19.44 12.69
CA GLN A 84 19.93 20.49 11.95
C GLN A 84 19.20 21.37 12.95
N SER A 85 18.36 20.80 13.79
CA SER A 85 17.89 21.48 15.02
C SER A 85 19.06 21.64 16.00
N LEU A 86 19.05 22.71 16.80
CA LEU A 86 20.06 22.98 17.86
C LEU A 86 21.47 22.69 17.32
N GLN A 87 21.82 23.25 16.17
CA GLN A 87 23.24 23.27 15.79
C GLN A 87 23.93 24.14 16.83
N PRO A 88 25.05 23.65 17.41
CA PRO A 88 25.78 24.41 18.42
C PRO A 88 26.54 25.60 17.81
N CYS A 89 26.53 26.74 18.49
CA CYS A 89 27.21 27.98 18.02
C CYS A 89 28.70 27.71 17.79
N VAL A 90 29.30 26.73 18.48
CA VAL A 90 30.76 26.46 18.31
C VAL A 90 31.09 25.02 18.70
N LYS A 91 31.17 24.08 17.75
CA LYS A 91 31.81 22.76 18.00
C LYS A 91 33.32 22.99 18.13
N LEU A 92 34.04 22.04 18.72
CA LEU A 92 35.50 22.23 18.82
C LEU A 92 36.23 21.03 18.19
N THR A 93 35.98 19.81 18.67
CA THR A 93 36.69 18.57 18.27
C THR A 93 38.22 18.78 18.25
N GLY A 94 38.69 19.82 18.98
CA GLY A 94 40.09 20.18 19.31
C GLY A 94 41.06 19.77 18.22
N GLY A 95 41.37 20.60 17.31
CA GLY A 95 42.13 20.29 16.08
C GLY A 95 41.54 20.99 14.87
N SER A 96 40.32 21.51 15.03
CA SER A 96 39.68 22.49 14.11
C SER A 96 38.35 22.93 14.69
N VAL A 97 38.19 24.24 14.94
CA VAL A 97 36.98 24.84 15.58
C VAL A 97 35.97 25.17 14.48
N ILE A 98 34.68 25.29 14.84
CA ILE A 98 33.64 25.70 13.87
C ILE A 98 32.58 26.55 14.59
N LYS A 99 32.68 27.87 14.51
CA LYS A 99 31.58 28.75 14.97
C LYS A 99 30.54 28.86 13.84
N GLN A 100 29.27 28.84 14.19
CA GLN A 100 28.16 28.86 13.21
C GLN A 100 26.96 29.55 13.86
N ALA A 101 26.00 29.97 13.05
CA ALA A 101 24.64 30.36 13.49
C ALA A 101 24.13 29.32 14.50
N CYS A 102 23.70 29.76 15.67
CA CYS A 102 23.07 28.86 16.66
C CYS A 102 21.72 29.41 17.10
N PRO A 103 20.72 29.56 16.19
CA PRO A 103 19.41 30.07 16.57
C PRO A 103 18.73 29.25 17.68
N LYS A 104 17.95 29.95 18.52
CA LYS A 104 17.13 29.35 19.60
C LYS A 104 15.83 28.81 18.99
N ILE A 105 15.69 27.49 18.96
CA ILE A 105 14.44 26.82 18.49
C ILE A 105 13.88 26.02 19.66
N SER A 106 12.57 25.79 19.63
CA SER A 106 11.87 24.95 20.64
C SER A 106 12.37 23.51 20.53
N PHE A 107 12.15 22.71 21.57
CA PHE A 107 12.64 21.31 21.61
C PHE A 107 11.89 20.52 22.68
N ASP A 108 11.38 19.37 22.26
CA ASP A 108 11.15 18.16 23.09
C ASP A 108 10.63 17.07 22.15
N PRO A 109 11.17 15.85 22.26
CA PRO A 109 10.94 14.83 21.23
C PRO A 109 9.49 14.39 21.09
N ILE A 110 9.20 13.66 20.01
CA ILE A 110 7.87 13.05 19.77
C ILE A 110 8.09 11.73 19.08
N PRO A 111 7.17 10.75 19.24
CA PRO A 111 7.46 9.37 18.83
C PRO A 111 7.48 9.27 17.30
N ILE A 112 8.30 8.36 16.80
CA ILE A 112 8.48 8.13 15.35
C ILE A 112 8.51 6.62 15.10
N HIS A 113 7.59 6.13 14.28
CA HIS A 113 7.57 4.71 13.87
C HIS A 113 8.65 4.51 12.82
N TYR A 114 9.33 3.38 12.86
CA TYR A 114 10.23 2.94 11.76
C TYR A 114 9.48 1.91 10.95
N CYS A 115 9.78 1.86 9.66
CA CYS A 115 8.95 1.07 8.73
C CYS A 115 9.81 0.46 7.62
N THR A 116 9.48 -0.78 7.25
CA THR A 116 10.08 -1.46 6.08
C THR A 116 9.54 -0.83 4.80
N PRO A 117 10.41 -0.64 3.78
CA PRO A 117 9.92 -0.49 2.41
C PRO A 117 9.44 -1.83 1.86
N ALA A 118 8.44 -1.77 0.97
CA ALA A 118 7.83 -2.94 0.29
C ALA A 118 8.91 -3.95 -0.07
N GLY A 119 8.58 -5.24 0.08
CA GLY A 119 9.53 -6.33 -0.20
C GLY A 119 10.18 -6.79 1.07
N TYR A 120 10.06 -6.01 2.14
CA TYR A 120 10.56 -6.39 3.50
C TYR A 120 9.44 -6.24 4.50
N VAL A 121 9.61 -6.94 5.60
CA VAL A 121 8.63 -6.98 6.71
C VAL A 121 9.41 -6.93 8.03
N ILE A 122 8.87 -6.21 9.00
CA ILE A 122 9.45 -6.24 10.36
C ILE A 122 8.88 -7.46 11.05
N LEU A 123 9.75 -8.38 11.45
CA LEU A 123 9.36 -9.46 12.37
C LEU A 123 9.36 -8.92 13.79
N LYS A 124 8.31 -9.23 14.54
CA LYS A 124 8.10 -8.73 15.90
C LYS A 124 8.01 -9.93 16.85
N CYS A 125 8.95 -10.02 17.78
CA CYS A 125 8.86 -10.94 18.96
C CYS A 125 7.62 -10.53 19.79
N ASN A 126 6.74 -11.48 20.09
CA ASN A 126 5.53 -11.21 20.91
C ASN A 126 5.60 -11.95 22.24
N ASP A 127 6.73 -12.58 22.55
CA ASP A 127 7.00 -13.13 23.89
C ASP A 127 7.38 -11.97 24.81
N LYS A 128 6.52 -11.66 25.77
CA LYS A 128 6.70 -10.49 26.66
C LYS A 128 7.93 -10.70 27.56
N ASN A 129 8.31 -11.95 27.82
CA ASN A 129 9.46 -12.23 28.71
C ASN A 129 10.70 -12.57 27.90
N PHE A 130 10.71 -12.25 26.60
CA PHE A 130 11.92 -12.31 25.77
C PHE A 130 12.95 -11.34 26.37
N ASN A 131 14.19 -11.81 26.53
CA ASN A 131 15.21 -11.02 27.25
C ASN A 131 16.04 -10.22 26.27
N GLY A 132 16.10 -10.61 25.00
CA GLY A 132 16.90 -9.86 24.00
C GLY A 132 17.64 -10.74 23.03
N THR A 133 18.13 -11.89 23.46
CA THR A 133 18.91 -12.81 22.61
C THR A 133 18.24 -14.18 22.61
N GLY A 134 18.13 -14.79 21.45
CA GLY A 134 17.78 -16.22 21.33
C GLY A 134 16.41 -16.44 20.70
N PRO A 135 15.82 -17.62 20.93
CA PRO A 135 14.56 -17.99 20.29
C PRO A 135 13.28 -17.31 20.83
N CYS A 136 12.50 -16.77 19.89
CA CYS A 136 11.11 -16.31 20.08
C CYS A 136 10.17 -17.24 19.32
N LYS A 137 9.03 -17.61 19.90
CA LYS A 137 8.13 -18.64 19.32
C LYS A 137 6.73 -18.06 19.10
N ASN A 138 6.51 -16.78 19.38
CA ASN A 138 5.22 -16.10 19.14
C ASN A 138 5.51 -14.89 18.28
N VAL A 139 5.90 -15.14 17.03
CA VAL A 139 6.45 -14.11 16.10
C VAL A 139 5.29 -13.53 15.29
N SER A 140 5.31 -12.23 15.08
CA SER A 140 4.29 -11.50 14.30
C SER A 140 4.98 -10.73 13.18
N SER A 141 4.20 -10.27 12.20
CA SER A 141 4.72 -9.46 11.08
C SER A 141 4.03 -8.09 11.08
N VAL A 142 4.83 -7.03 10.98
CA VAL A 142 4.32 -5.62 11.05
C VAL A 142 4.97 -4.81 9.95
N GLN A 143 4.31 -3.71 9.59
CA GLN A 143 4.77 -2.71 8.61
C GLN A 143 5.63 -1.67 9.34
N CYS A 144 5.11 -1.11 10.45
CA CYS A 144 5.83 -0.09 11.25
C CYS A 144 5.91 -0.54 12.70
N THR A 145 6.95 -0.11 13.40
CA THR A 145 7.08 -0.32 14.87
C THR A 145 6.12 0.61 15.59
N HIS A 146 6.12 0.55 16.92
CA HIS A 146 5.36 1.49 17.76
C HIS A 146 6.15 2.80 17.84
N GLY A 147 5.52 3.82 18.41
CA GLY A 147 6.13 5.15 18.58
C GLY A 147 7.36 5.07 19.47
N ILE A 148 8.43 5.77 19.11
CA ILE A 148 9.69 5.77 19.90
C ILE A 148 10.22 7.18 20.01
N LYS A 149 10.01 7.83 21.16
CA LYS A 149 10.53 9.19 21.42
C LYS A 149 12.05 9.14 21.37
N PRO A 150 12.69 9.90 20.46
CA PRO A 150 14.15 9.93 20.39
C PRO A 150 14.78 10.85 21.44
N VAL A 151 15.01 10.33 22.64
CA VAL A 151 15.60 11.11 23.77
C VAL A 151 16.90 10.45 24.17
N VAL A 152 17.93 11.27 24.35
CA VAL A 152 19.31 10.79 24.65
C VAL A 152 19.58 11.19 26.08
N SER A 153 20.15 10.26 26.83
CA SER A 153 20.36 10.43 28.29
C SER A 153 21.31 9.35 28.80
N THR A 154 21.65 9.44 30.07
CA THR A 154 22.59 8.51 30.73
C THR A 154 22.00 7.99 32.03
N GLN A 155 22.38 6.77 32.40
CA GLN A 155 22.05 6.11 33.69
C GLN A 155 20.56 5.75 33.74
N LEU A 156 19.67 6.69 33.46
CA LEU A 156 18.21 6.44 33.51
C LEU A 156 17.64 6.55 32.09
N LEU A 157 16.71 5.66 31.74
CA LEU A 157 16.00 5.71 30.43
C LEU A 157 14.62 6.34 30.62
N LEU A 158 14.37 7.49 29.99
CA LEU A 158 13.14 8.28 30.23
C LEU A 158 12.14 8.10 29.08
N ASN A 159 10.89 8.45 29.34
CA ASN A 159 9.77 8.47 28.37
C ASN A 159 9.73 7.21 27.49
N GLY A 160 10.42 6.13 27.87
CA GLY A 160 10.49 4.88 27.10
C GLY A 160 9.25 4.01 27.27
N SER A 161 9.23 2.84 26.64
CA SER A 161 8.13 1.86 26.75
C SER A 161 8.44 0.91 27.91
N LEU A 162 7.42 0.57 28.68
CA LEU A 162 7.55 -0.28 29.87
C LEU A 162 7.60 -1.74 29.44
N ALA A 163 8.22 -2.60 30.24
CA ALA A 163 8.07 -4.06 30.06
C ALA A 163 6.60 -4.37 30.33
N GLU A 164 5.97 -5.11 29.44
CA GLU A 164 4.51 -5.29 29.52
C GLU A 164 4.20 -6.43 30.51
N GLU A 165 5.18 -7.22 30.90
CA GLU A 165 4.93 -8.40 31.76
C GLU A 165 5.71 -8.27 33.07
N GLU A 166 6.85 -8.96 33.21
CA GLU A 166 7.68 -8.84 34.43
C GLU A 166 8.92 -8.01 34.09
N ILE A 167 9.56 -7.43 35.10
CA ILE A 167 10.82 -6.67 34.92
C ILE A 167 11.86 -7.57 34.27
N ILE A 168 12.56 -7.05 33.26
CA ILE A 168 13.53 -7.85 32.47
C ILE A 168 14.93 -7.27 32.70
N ILE A 169 15.92 -8.15 32.63
CA ILE A 169 17.35 -7.74 32.63
C ILE A 169 17.97 -8.14 31.29
N ARG A 170 18.06 -7.17 30.38
CA ARG A 170 18.61 -7.39 29.03
C ARG A 170 20.13 -7.30 29.12
N SER A 171 20.83 -8.26 28.54
CA SER A 171 22.30 -8.20 28.39
C SER A 171 22.78 -9.16 27.31
N GLU A 172 23.96 -8.88 26.79
CA GLU A 172 24.64 -9.71 25.77
C GLU A 172 25.14 -10.98 26.45
N ASN A 173 25.96 -10.82 27.48
CA ASN A 173 26.44 -11.92 28.35
C ASN A 173 26.44 -11.37 29.78
N LEU A 174 25.85 -12.10 30.71
CA LEU A 174 25.95 -11.74 32.15
C LEU A 174 27.23 -12.34 32.74
N THR A 175 27.93 -13.20 31.99
CA THR A 175 29.25 -13.72 32.41
C THR A 175 30.32 -12.66 32.08
N ASN A 176 30.14 -11.94 30.97
CA ASN A 176 31.03 -10.81 30.62
C ASN A 176 30.70 -9.61 31.50
N ASN A 177 31.72 -8.86 31.88
CA ASN A 177 31.57 -7.68 32.78
C ASN A 177 31.43 -6.41 31.97
N ALA A 178 32.03 -6.36 30.78
CA ALA A 178 32.02 -5.17 29.90
C ALA A 178 30.59 -4.82 29.50
N LYS A 179 29.81 -5.82 29.10
CA LYS A 179 28.51 -5.61 28.42
C LYS A 179 27.53 -4.95 29.39
N THR A 180 26.81 -3.95 28.91
CA THR A 180 25.82 -3.19 29.71
C THR A 180 24.68 -4.10 30.18
N ILE A 181 24.05 -3.64 31.25
CA ILE A 181 22.79 -4.24 31.79
C ILE A 181 21.69 -3.22 31.58
N ILE A 182 20.73 -3.54 30.73
CA ILE A 182 19.48 -2.73 30.62
C ILE A 182 18.42 -3.40 31.48
N VAL A 183 18.04 -2.77 32.58
CA VAL A 183 16.83 -3.21 33.30
C VAL A 183 15.65 -2.51 32.63
N HIS A 184 14.63 -3.29 32.30
CA HIS A 184 13.36 -2.78 31.74
C HIS A 184 12.30 -2.90 32.82
N LEU A 185 11.82 -1.74 33.27
CA LEU A 185 10.81 -1.60 34.36
C LEU A 185 9.51 -2.29 33.97
N ASN A 186 8.68 -2.51 34.99
CA ASN A 186 7.30 -3.05 34.89
C ASN A 186 6.31 -1.89 34.90
N LYS A 187 6.47 -0.99 35.87
CA LYS A 187 5.67 0.25 35.98
C LYS A 187 6.61 1.43 36.23
N SER A 188 6.28 2.55 35.61
CA SER A 188 7.15 3.73 35.48
C SER A 188 7.26 4.48 36.81
N VAL A 189 8.25 5.35 36.91
CA VAL A 189 8.44 6.25 38.07
C VAL A 189 8.71 7.65 37.54
N GLU A 190 7.92 8.64 37.93
CA GLU A 190 8.03 10.00 37.34
C GLU A 190 9.24 10.75 37.93
N ILE A 191 9.67 11.82 37.26
CA ILE A 191 10.81 12.66 37.72
C ILE A 191 10.59 14.09 37.22
N ASN A 192 10.48 15.04 38.15
CA ASN A 192 10.30 16.48 37.88
C ASN A 192 11.67 17.16 37.88
N CYS A 193 12.04 17.84 36.82
CA CYS A 193 13.33 18.57 36.74
C CYS A 193 13.05 20.06 36.51
N THR A 194 13.30 20.89 37.49
CA THR A 194 13.03 22.35 37.36
C THR A 194 14.28 23.17 37.67
N ARG A 195 14.32 24.35 37.06
CA ARG A 195 15.34 25.40 37.28
C ARG A 195 14.64 26.54 38.01
N PRO A 196 14.69 26.57 39.36
CA PRO A 196 13.73 27.34 40.14
C PRO A 196 13.79 28.85 39.86
N SER A 197 12.66 29.41 39.45
CA SER A 197 12.46 30.86 39.22
C SER A 197 12.84 31.66 40.47
N LYS A 209 22.36 25.10 38.79
CA LYS A 209 21.35 26.01 39.38
C LYS A 209 19.95 25.36 39.30
N ALA A 210 19.83 24.06 39.48
CA ALA A 210 18.53 23.36 39.30
C ALA A 210 18.44 22.13 40.20
N TYR A 211 17.26 21.52 40.22
CA TYR A 211 17.00 20.29 41.01
C TYR A 211 15.91 19.48 40.29
N CYS A 212 15.65 18.31 40.84
CA CYS A 212 14.74 17.32 40.21
C CYS A 212 14.24 16.35 41.28
N GLU A 213 12.92 16.26 41.47
CA GLU A 213 12.36 15.49 42.61
C GLU A 213 11.54 14.29 42.12
N ILE A 214 11.44 13.29 43.01
CA ILE A 214 10.92 11.92 42.74
C ILE A 214 10.34 11.38 44.05
N ASN A 215 9.28 10.58 43.98
CA ASN A 215 8.52 10.09 45.16
C ASN A 215 9.17 8.83 45.71
N GLY A 216 10.16 9.00 46.60
CA GLY A 216 11.00 7.93 47.16
C GLY A 216 10.23 6.66 47.51
N THR A 217 8.98 6.81 47.92
CA THR A 217 8.10 5.67 48.31
C THR A 217 8.04 4.63 47.18
N LYS A 218 7.38 4.96 46.07
CA LYS A 218 7.13 3.99 44.98
C LYS A 218 8.48 3.64 44.35
N TRP A 219 9.32 4.65 44.14
CA TRP A 219 10.64 4.45 43.51
C TRP A 219 11.42 3.36 44.25
N ASN A 220 11.50 3.45 45.59
CA ASN A 220 12.28 2.48 46.39
C ASN A 220 11.59 1.11 46.31
N LYS A 221 10.27 1.06 46.25
CA LYS A 221 9.54 -0.23 46.10
C LYS A 221 10.00 -0.84 44.79
N VAL A 222 9.79 -0.11 43.70
CA VAL A 222 10.23 -0.51 42.34
C VAL A 222 11.69 -1.00 42.38
N LEU A 223 12.55 -0.29 43.10
CA LEU A 223 14.00 -0.61 43.12
C LEU A 223 14.24 -1.94 43.85
N LYS A 224 13.61 -2.16 44.99
CA LYS A 224 13.82 -3.43 45.73
C LYS A 224 13.28 -4.56 44.87
N GLN A 225 12.26 -4.28 44.06
CA GLN A 225 11.81 -5.23 43.00
C GLN A 225 12.98 -5.52 42.07
N VAL A 226 13.68 -4.50 41.61
CA VAL A 226 14.73 -4.74 40.59
C VAL A 226 15.83 -5.59 41.24
N THR A 227 16.13 -5.40 42.52
CA THR A 227 17.21 -6.19 43.17
C THR A 227 16.71 -7.62 43.43
N GLU A 228 15.40 -7.82 43.60
CA GLU A 228 14.79 -9.18 43.59
C GLU A 228 15.17 -9.88 42.27
N LYS A 229 14.87 -9.25 41.15
CA LYS A 229 15.04 -9.84 39.81
C LYS A 229 16.54 -10.07 39.56
N LEU A 230 17.35 -9.08 39.90
CA LEU A 230 18.84 -9.21 39.83
C LEU A 230 19.27 -10.43 40.65
N LYS A 231 18.84 -10.51 41.91
CA LYS A 231 19.14 -11.67 42.81
C LYS A 231 18.86 -12.96 42.03
N GLU A 232 17.73 -13.03 41.33
CA GLU A 232 17.42 -14.22 40.49
C GLU A 232 18.61 -14.50 39.58
N HIS A 233 19.13 -13.49 38.88
CA HIS A 233 20.23 -13.73 37.92
C HIS A 233 21.57 -13.95 38.64
N PHE A 234 21.74 -13.43 39.84
CA PHE A 234 23.03 -13.60 40.58
C PHE A 234 22.75 -14.39 41.85
N ASN A 235 22.20 -15.60 41.64
CA ASN A 235 21.73 -16.57 42.68
C ASN A 235 21.75 -15.95 44.08
N ASN A 236 20.68 -15.24 44.46
CA ASN A 236 20.40 -14.85 45.86
C ASN A 236 21.62 -14.14 46.47
N LYS A 237 22.42 -13.53 45.68
CA LYS A 237 23.56 -12.87 46.36
C LYS A 237 23.12 -11.47 46.80
N THR A 238 24.09 -10.68 47.27
CA THR A 238 23.84 -9.40 47.98
C THR A 238 24.05 -8.26 46.98
N ILE A 239 23.00 -7.52 46.67
CA ILE A 239 23.03 -6.54 45.56
C ILE A 239 23.29 -5.15 46.15
N ILE A 240 24.40 -4.54 45.75
CA ILE A 240 24.82 -3.21 46.26
C ILE A 240 24.98 -2.24 45.10
N PHE A 241 24.23 -1.15 45.15
CA PHE A 241 24.41 0.01 44.25
C PHE A 241 25.54 0.87 44.80
N GLN A 242 26.25 1.53 43.90
CA GLN A 242 27.34 2.45 44.27
C GLN A 242 27.43 3.53 43.19
N PRO A 243 27.88 4.74 43.58
CA PRO A 243 28.05 5.83 42.63
C PRO A 243 29.00 5.48 41.48
N PRO A 244 28.95 6.25 40.37
CA PRO A 244 29.87 6.01 39.25
C PRO A 244 31.32 6.33 39.65
N SER A 245 32.23 5.44 39.28
CA SER A 245 33.68 5.49 39.64
C SER A 245 34.22 6.89 39.39
N GLY A 246 34.33 7.25 38.11
CA GLY A 246 34.83 8.56 37.65
C GLY A 246 34.60 8.72 36.17
N GLY A 247 35.16 9.79 35.61
CA GLY A 247 35.19 10.03 34.15
C GLY A 247 34.34 11.22 33.77
N ASP A 248 34.19 11.47 32.47
CA ASP A 248 33.43 12.63 31.93
C ASP A 248 32.15 12.84 32.75
N LEU A 249 31.71 14.09 32.89
CA LEU A 249 30.52 14.42 33.71
C LEU A 249 29.26 13.77 33.14
N GLU A 250 29.24 13.40 31.86
CA GLU A 250 28.03 12.88 31.19
C GLU A 250 27.79 11.42 31.58
N ILE A 251 28.74 10.74 32.22
CA ILE A 251 28.51 9.33 32.65
C ILE A 251 28.46 9.24 34.18
N THR A 252 29.07 10.19 34.90
CA THR A 252 28.99 10.28 36.38
C THR A 252 27.64 10.85 36.81
N MET A 253 26.84 11.39 35.90
CA MET A 253 25.65 12.17 36.28
C MET A 253 24.51 11.88 35.32
N HIS A 254 23.29 11.94 35.82
CA HIS A 254 22.09 11.84 34.96
C HIS A 254 22.04 13.07 34.06
N SER A 255 22.65 12.96 32.88
CA SER A 255 22.72 14.05 31.89
C SER A 255 21.69 13.79 30.80
N PHE A 256 20.90 14.80 30.47
CA PHE A 256 19.82 14.64 29.47
C PHE A 256 19.35 16.02 29.00
N ASN A 257 18.97 16.11 27.73
CA ASN A 257 18.50 17.38 27.13
C ASN A 257 17.01 17.50 27.39
N CYS A 258 16.65 18.51 28.16
CA CYS A 258 15.27 18.80 28.59
C CYS A 258 14.84 20.11 27.94
N ARG A 259 13.88 20.03 27.02
CA ARG A 259 13.33 21.21 26.30
C ARG A 259 14.45 22.16 25.89
N GLY A 260 15.54 21.62 25.32
CA GLY A 260 16.62 22.42 24.71
C GLY A 260 17.78 22.67 25.66
N GLU A 261 17.61 22.49 26.97
CA GLU A 261 18.69 22.80 27.95
C GLU A 261 19.17 21.50 28.59
N PHE A 262 20.47 21.39 28.85
CA PHE A 262 21.11 20.13 29.30
C PHE A 262 21.22 20.11 30.81
N PHE A 263 20.58 19.13 31.41
CA PHE A 263 20.60 18.93 32.87
C PHE A 263 21.70 17.94 33.20
N TYR A 264 22.10 17.93 34.47
CA TYR A 264 23.11 17.03 35.05
C TYR A 264 22.73 16.84 36.51
N CYS A 265 22.04 15.77 36.84
CA CYS A 265 21.55 15.56 38.22
C CYS A 265 22.33 14.42 38.87
N ASN A 266 22.97 14.72 40.00
CA ASN A 266 23.73 13.75 40.81
C ASN A 266 22.77 12.68 41.33
N THR A 267 22.91 11.45 40.87
CA THR A 267 22.01 10.33 41.23
C THR A 267 22.62 9.49 42.34
N THR A 268 23.53 10.05 43.15
CA THR A 268 24.07 9.33 44.33
C THR A 268 22.92 8.91 45.24
N GLN A 269 21.92 9.78 45.41
CA GLN A 269 20.78 9.54 46.33
C GLN A 269 20.00 8.32 45.87
N LEU A 270 19.45 8.34 44.65
CA LEU A 270 18.43 7.34 44.19
C LEU A 270 18.93 5.91 44.45
N PHE A 271 20.23 5.68 44.37
CA PHE A 271 20.81 4.32 44.56
C PHE A 271 21.37 4.27 45.98
N ASN A 272 20.44 4.31 46.95
CA ASN A 272 20.74 4.42 48.40
C ASN A 272 20.70 3.03 49.02
N ASN A 273 21.84 2.54 49.50
CA ASN A 273 21.96 1.17 50.08
C ASN A 273 21.47 1.13 51.54
N THR A 274 20.74 2.14 52.00
CA THR A 274 20.06 2.09 53.32
C THR A 274 18.60 2.51 53.13
N CYS A 275 18.02 2.23 51.97
CA CYS A 275 16.56 2.36 51.69
C CYS A 275 16.10 1.15 50.87
N CYS A 284 13.24 8.22 55.01
CA CYS A 284 14.01 7.66 53.87
C CYS A 284 13.04 7.25 52.76
N ASN A 285 11.75 7.15 53.05
CA ASN A 285 10.74 6.84 52.00
C ASN A 285 9.72 7.97 51.95
N GLY A 286 10.22 9.20 51.89
CA GLY A 286 9.47 10.41 51.50
C GLY A 286 10.10 11.04 50.29
N THR A 287 9.51 12.11 49.78
CA THR A 287 9.88 12.70 48.47
C THR A 287 11.38 13.01 48.47
N ILE A 288 12.05 12.47 47.44
CA ILE A 288 13.51 12.56 47.18
C ILE A 288 13.79 13.79 46.32
N THR A 289 14.85 14.53 46.65
CA THR A 289 15.32 15.69 45.85
C THR A 289 16.73 15.41 45.29
N LEU A 290 16.99 15.82 44.05
CA LEU A 290 18.33 15.63 43.43
C LEU A 290 18.87 16.98 42.94
N PRO A 291 20.16 17.27 43.21
CA PRO A 291 20.77 18.53 42.79
C PRO A 291 21.35 18.49 41.37
N CYS A 292 20.67 19.08 40.39
CA CYS A 292 21.21 19.19 39.01
C CYS A 292 21.89 20.53 38.74
N LYS A 293 22.70 20.50 37.69
CA LYS A 293 23.36 21.68 37.08
C LYS A 293 22.91 21.76 35.61
N ILE A 294 22.42 22.91 35.19
CA ILE A 294 22.29 23.18 33.72
C ILE A 294 23.64 23.64 33.20
N LYS A 295 24.14 23.01 32.15
CA LYS A 295 25.41 23.41 31.51
C LYS A 295 25.15 23.82 30.06
N GLN A 296 25.86 24.82 29.53
CA GLN A 296 25.76 25.21 28.11
C GLN A 296 26.95 24.66 27.31
N ILE A 297 28.06 24.34 27.97
CA ILE A 297 29.25 23.74 27.30
C ILE A 297 29.30 22.26 27.68
N ILE A 298 29.18 21.36 26.72
CA ILE A 298 28.96 19.91 27.00
C ILE A 298 29.87 19.08 26.11
N ASN A 299 29.98 17.79 26.44
CA ASN A 299 30.68 16.77 25.64
C ASN A 299 29.69 16.14 24.67
N MET A 300 30.01 16.13 23.39
CA MET A 300 29.09 15.68 22.33
C MET A 300 28.97 14.15 22.36
N TRP A 301 27.83 13.63 21.91
CA TRP A 301 27.55 12.18 21.76
C TRP A 301 27.54 11.78 20.29
N GLN A 302 27.39 12.75 19.38
CA GLN A 302 27.38 12.50 17.91
C GLN A 302 28.77 12.00 17.49
N GLY A 303 29.82 12.61 18.04
CA GLY A 303 31.21 12.21 17.79
C GLY A 303 32.13 12.98 18.71
N THR A 304 33.30 12.42 18.99
CA THR A 304 34.25 12.91 20.01
C THR A 304 34.48 14.41 19.76
N GLY A 305 34.23 15.22 20.78
CA GLY A 305 34.32 16.69 20.68
C GLY A 305 33.57 17.37 21.79
N GLN A 306 33.43 18.70 21.72
CA GLN A 306 32.69 19.48 22.74
C GLN A 306 31.93 20.61 22.05
N ALA A 307 30.77 20.96 22.61
CA ALA A 307 29.81 21.90 22.00
C ALA A 307 29.44 23.01 22.99
N MET A 308 29.09 24.16 22.45
CA MET A 308 28.60 25.32 23.24
C MET A 308 27.38 25.91 22.56
N TYR A 309 26.27 25.99 23.28
CA TYR A 309 24.96 26.44 22.74
C TYR A 309 24.55 27.74 23.41
N ALA A 310 23.75 28.52 22.70
CA ALA A 310 23.34 29.88 23.11
C ALA A 310 22.42 29.74 24.32
N PRO A 311 22.28 30.79 25.14
CA PRO A 311 21.31 30.81 26.22
C PRO A 311 20.00 31.51 25.85
N LYS A 316 11.47 29.31 34.68
CA LYS A 316 10.33 28.59 34.02
C LYS A 316 10.86 27.71 32.90
N ILE A 317 11.52 26.61 33.28
CA ILE A 317 11.79 25.42 32.42
C ILE A 317 11.68 24.19 33.32
N ASN A 318 10.92 23.20 32.90
CA ASN A 318 10.78 21.97 33.72
C ASN A 318 10.37 20.78 32.87
N CYS A 319 10.92 19.62 33.22
CA CYS A 319 10.68 18.33 32.53
C CYS A 319 10.07 17.32 33.50
N VAL A 320 8.84 16.89 33.23
CA VAL A 320 8.23 15.76 33.96
C VAL A 320 8.39 14.52 33.07
N SER A 321 8.94 13.44 33.62
CA SER A 321 9.38 12.31 32.77
C SER A 321 9.17 10.97 33.47
N ASN A 322 8.49 10.06 32.79
CA ASN A 322 8.44 8.63 33.21
C ASN A 322 9.85 8.04 33.10
N ILE A 323 10.45 7.68 34.22
CA ILE A 323 11.65 6.78 34.25
C ILE A 323 11.15 5.37 34.01
N THR A 324 11.57 4.72 32.92
CA THR A 324 11.05 3.39 32.53
C THR A 324 12.14 2.34 32.36
N GLY A 325 13.40 2.67 32.64
CA GLY A 325 14.48 1.68 32.58
C GLY A 325 15.75 2.21 33.22
N ILE A 326 16.70 1.32 33.51
CA ILE A 326 18.00 1.72 34.12
C ILE A 326 19.15 1.05 33.38
N LEU A 327 20.25 1.77 33.26
CA LEU A 327 21.51 1.26 32.70
C LEU A 327 22.49 1.00 33.84
N LEU A 328 23.08 -0.17 33.88
CA LEU A 328 24.00 -0.53 34.98
C LEU A 328 25.19 -1.30 34.43
N THR A 329 26.34 -1.09 35.06
CA THR A 329 27.56 -1.88 34.82
C THR A 329 27.87 -2.66 36.10
N ARG A 330 28.11 -3.96 35.92
CA ARG A 330 28.45 -4.89 37.03
C ARG A 330 29.90 -4.65 37.45
N ASP A 331 30.12 -4.19 38.67
CA ASP A 331 31.49 -3.98 39.19
C ASP A 331 32.14 -5.34 39.45
N ASN A 336 34.45 -7.74 46.58
CA ASN A 336 34.82 -9.10 47.08
C ASN A 336 33.57 -9.77 47.67
N THR A 337 33.68 -10.27 48.91
CA THR A 337 32.56 -10.80 49.73
C THR A 337 31.70 -11.75 48.89
N SER A 338 30.41 -11.85 49.24
CA SER A 338 29.33 -12.44 48.41
C SER A 338 28.49 -11.30 47.84
N ASN A 339 28.97 -10.06 47.98
CA ASN A 339 28.28 -8.85 47.51
C ASN A 339 28.69 -8.61 46.06
N GLU A 340 27.74 -8.30 45.20
CA GLU A 340 28.05 -7.70 43.87
C GLU A 340 27.71 -6.21 43.93
N THR A 341 28.47 -5.43 43.17
CA THR A 341 28.31 -3.97 43.10
C THR A 341 27.80 -3.59 41.72
N PHE A 342 26.74 -2.81 41.66
CA PHE A 342 26.17 -2.32 40.40
C PHE A 342 26.27 -0.81 40.38
N ARG A 343 26.74 -0.25 39.27
CA ARG A 343 26.90 1.21 39.22
C ARG A 343 26.23 1.74 37.97
N PRO A 344 25.53 2.89 38.09
CA PRO A 344 25.01 3.61 36.94
C PRO A 344 25.96 3.64 35.73
N GLY A 345 25.44 3.18 34.59
CA GLY A 345 26.12 3.21 33.29
C GLY A 345 25.46 4.20 32.35
N GLY A 346 25.63 3.96 31.04
CA GLY A 346 25.05 4.80 29.98
C GLY A 346 26.17 5.29 29.11
N GLY A 347 25.87 6.17 28.16
CA GLY A 347 26.90 6.80 27.30
C GLY A 347 26.79 6.35 25.86
N ASN A 348 26.90 5.06 25.58
CA ASN A 348 26.58 4.51 24.23
C ASN A 348 25.08 4.75 24.01
N ILE A 349 24.73 5.73 23.18
CA ILE A 349 23.31 6.13 22.99
C ILE A 349 22.59 5.05 22.18
N LYS A 350 23.34 4.19 21.49
CA LYS A 350 22.76 3.01 20.82
C LYS A 350 21.91 2.21 21.82
N ASP A 351 22.38 2.06 23.06
CA ASP A 351 21.67 1.25 24.08
C ASP A 351 20.27 1.84 24.28
N ASN A 352 20.15 3.16 24.28
CA ASN A 352 18.83 3.83 24.41
C ASN A 352 17.89 3.34 23.31
N TRP A 353 18.41 3.03 22.12
CA TRP A 353 17.59 2.50 21.00
C TRP A 353 17.39 0.99 21.16
N ARG A 354 18.42 0.26 21.60
CA ARG A 354 18.29 -1.20 21.79
C ARG A 354 17.07 -1.48 22.68
N SER A 355 16.95 -0.71 23.76
CA SER A 355 15.84 -0.85 24.75
C SER A 355 14.48 -0.82 24.04
N GLU A 356 14.34 -0.13 22.92
CA GLU A 356 13.03 -0.05 22.23
C GLU A 356 12.95 -1.01 21.06
N LEU A 357 14.08 -1.42 20.47
CA LEU A 357 14.07 -2.11 19.15
C LEU A 357 14.55 -3.56 19.27
N TYR A 358 14.54 -4.12 20.46
CA TYR A 358 14.97 -5.53 20.71
C TYR A 358 13.94 -6.49 20.12
N LYS A 359 12.68 -6.08 20.13
CA LYS A 359 11.51 -6.91 19.73
C LYS A 359 11.37 -6.88 18.21
N TYR A 360 12.41 -6.50 17.47
CA TYR A 360 12.25 -6.19 16.04
C TYR A 360 13.42 -6.78 15.24
N LYS A 361 13.10 -7.32 14.08
CA LYS A 361 14.11 -7.80 13.11
C LYS A 361 13.59 -7.56 11.70
N VAL A 362 14.36 -6.86 10.88
CA VAL A 362 14.01 -6.64 9.46
C VAL A 362 14.32 -7.91 8.66
N VAL A 363 13.38 -8.30 7.81
CA VAL A 363 13.47 -9.52 6.98
C VAL A 363 12.80 -9.22 5.63
N GLN A 364 13.18 -9.92 4.58
CA GLN A 364 12.64 -9.60 3.23
C GLN A 364 11.79 -10.77 2.73
N ILE A 365 10.59 -10.48 2.26
CA ILE A 365 9.65 -11.54 1.81
C ILE A 365 10.12 -12.11 0.48
N GLU A 366 10.34 -13.43 0.42
CA GLU A 366 10.64 -14.17 -0.83
C GLU A 366 9.33 -14.72 -1.39
N PRO A 367 8.97 -14.39 -2.65
CA PRO A 367 7.75 -14.88 -3.29
C PRO A 367 8.11 -16.08 -4.17
N LEU A 368 7.45 -17.23 -4.01
CA LEU A 368 7.80 -18.46 -4.78
C LEU A 368 6.55 -19.27 -5.09
N GLY A 369 6.74 -20.46 -5.65
CA GLY A 369 5.70 -21.50 -5.84
C GLY A 369 5.67 -22.00 -7.26
CA MPT B 1 36.39 9.18 23.40
C MPT B 1 37.86 9.33 23.06
O MPT B 1 38.40 8.37 22.44
CB MPT B 1 36.16 8.80 24.82
SG MPT B 1 35.55 7.11 25.08
N ASN B 2 38.37 10.50 23.17
CA ASN B 2 39.82 10.38 22.82
C ASN B 2 40.50 9.48 23.85
N LEU B 3 40.80 8.25 23.45
CA LEU B 3 41.09 7.11 24.33
C LEU B 3 42.39 7.39 25.11
N HIS B 4 43.45 7.77 24.41
CA HIS B 4 44.78 8.03 25.02
C HIS B 4 44.66 9.22 25.96
N PHE B 5 43.74 10.14 25.68
CA PHE B 5 43.48 11.30 26.57
C PHE B 5 42.70 10.82 27.79
N CYS B 6 41.81 9.84 27.61
CA CYS B 6 40.97 9.31 28.72
C CYS B 6 41.85 8.58 29.74
N GLN B 7 42.66 7.65 29.26
CA GLN B 7 43.50 6.78 30.12
C GLN B 7 44.28 7.63 31.12
N LEU B 8 44.76 8.80 30.70
CA LEU B 8 45.62 9.66 31.56
C LEU B 8 44.77 10.30 32.65
N ARG B 9 43.49 10.60 32.41
CA ARG B 9 42.64 11.22 33.45
C ARG B 9 42.19 10.16 34.45
N CYS B 10 42.02 8.93 34.01
CA CYS B 10 41.69 7.83 34.94
C CYS B 10 42.96 7.41 35.70
N LYS B 11 44.13 7.71 35.15
CA LYS B 11 45.42 7.33 35.79
C LYS B 11 45.52 7.98 37.18
N SER B 12 45.20 9.26 37.30
CA SER B 12 45.32 10.02 38.57
C SER B 12 44.35 9.45 39.61
N LEU B 13 43.17 9.00 39.19
CA LEU B 13 42.19 8.33 40.09
C LEU B 13 42.65 6.90 40.39
N GLY B 14 43.73 6.42 39.76
CA GLY B 14 44.26 5.08 39.98
C GLY B 14 43.36 4.04 39.33
N LEU B 15 42.53 4.49 38.38
CA LEU B 15 41.58 3.61 37.67
C LEU B 15 41.96 3.53 36.19
N LEU B 16 41.40 2.57 35.46
CA LEU B 16 41.68 2.38 34.01
C LEU B 16 40.62 3.09 33.17
N GLY B 17 40.98 3.40 31.93
CA GLY B 17 40.20 4.27 31.02
C GLY B 17 39.50 3.49 29.93
N ARG B 18 38.23 3.16 30.15
CA ARG B 18 37.33 2.54 29.13
C ARG B 18 36.88 3.65 28.17
N CYS B 19 36.09 3.30 27.16
CA CYS B 19 35.28 4.27 26.38
C CYS B 19 33.79 4.01 26.62
N ALA B 20 33.01 5.08 26.69
CA ALA B 20 31.54 4.99 26.79
C ALA B 20 30.94 5.69 25.57
N DPR B 21 30.98 5.00 24.42
CA DPR B 21 30.75 5.62 23.13
CB DPR B 21 31.11 4.50 22.15
CG DPR B 21 30.82 3.24 22.90
CD DPR B 21 31.12 3.54 24.34
C DPR B 21 31.70 6.81 22.98
O DPR B 21 32.88 6.60 23.01
N THR B 22 31.22 8.10 22.75
CA THR B 22 32.02 9.35 22.69
C THR B 22 32.54 9.67 24.09
N U2X B 23 32.45 9.21 25.36
C U2X B 23 33.74 8.78 27.41
O U2X B 23 33.69 7.56 27.31
CA U2X B 23 32.63 9.62 26.74
CB U2X B 23 31.38 9.53 27.60
CG U2X B 23 30.23 10.41 27.16
CD1 U2X B 23 30.38 11.80 27.03
CD2 U2X B 23 28.99 9.81 26.87
CE1 U2X B 23 29.28 12.59 26.61
CE2 U2X B 23 27.89 10.60 26.46
CZ U2X B 23 28.04 11.99 26.33
OH U2X B 23 26.93 12.81 25.92
C7 U2X B 23 25.78 12.68 26.77
C1 U2X B 23 22.35 14.40 26.49
C2 U2X B 23 23.36 13.33 26.77
C3 U2X B 23 24.74 13.76 26.35
C4 U2X B 23 25.14 15.08 26.96
C5 U2X B 23 24.12 16.15 26.68
C6 U2X B 23 22.75 15.70 27.13
N CYS B 24 34.49 9.37 28.25
CA CYS B 24 35.65 8.72 28.92
C CYS B 24 35.23 8.19 30.30
N ALA B 25 35.17 6.87 30.45
CA ALA B 25 34.76 6.21 31.70
C ALA B 25 35.97 5.61 32.42
N CYS B 26 35.97 5.68 33.74
CA CYS B 26 37.02 5.05 34.59
C CYS B 26 36.47 3.76 35.19
N VAL B 27 37.24 2.69 35.14
CA VAL B 27 36.79 1.34 35.62
C VAL B 27 37.95 0.62 36.32
N NH2 B 28 38.40 -0.56 36.39
N GLN C 1 2.03 -27.00 -12.70
CA GLN C 1 1.11 -26.03 -13.39
C GLN C 1 0.53 -25.09 -12.34
N VAL C 2 1.21 -23.97 -12.05
CA VAL C 2 0.77 -23.02 -11.00
C VAL C 2 -0.48 -22.31 -11.52
N GLN C 3 -1.60 -22.50 -10.83
CA GLN C 3 -2.89 -21.91 -11.24
C GLN C 3 -3.90 -22.00 -10.10
N LEU C 4 -5.03 -21.34 -10.30
CA LEU C 4 -6.18 -21.37 -9.35
C LEU C 4 -7.46 -21.38 -10.18
N VAL C 5 -8.33 -22.35 -9.94
CA VAL C 5 -9.60 -22.48 -10.71
C VAL C 5 -10.76 -22.10 -9.80
N GLN C 6 -11.60 -21.18 -10.27
CA GLN C 6 -12.75 -20.67 -9.50
C GLN C 6 -14.02 -21.39 -9.97
N SER C 7 -15.12 -21.16 -9.28
CA SER C 7 -16.42 -21.77 -9.60
C SER C 7 -17.14 -20.93 -10.68
N GLY C 8 -18.25 -21.50 -11.17
CA GLY C 8 -18.95 -21.04 -12.38
C GLY C 8 -19.63 -19.69 -12.18
N PRO C 9 -20.32 -19.21 -13.24
CA PRO C 9 -21.04 -17.94 -13.15
C PRO C 9 -22.29 -18.07 -12.29
N GLU C 10 -22.75 -16.96 -11.74
CA GLU C 10 -23.92 -16.97 -10.83
C GLU C 10 -24.81 -15.78 -11.12
N VAL C 11 -26.13 -16.00 -11.07
CA VAL C 11 -27.16 -14.97 -11.33
C VAL C 11 -28.09 -14.93 -10.14
N LYS C 12 -28.00 -13.89 -9.33
CA LYS C 12 -28.75 -13.79 -8.05
C LYS C 12 -29.72 -12.62 -8.12
N LYS C 13 -30.72 -12.67 -7.21
CA LYS C 13 -31.72 -11.58 -6.98
C LYS C 13 -31.23 -10.68 -5.85
N PRO C 14 -31.64 -9.39 -5.84
CA PRO C 14 -31.13 -8.44 -4.84
C PRO C 14 -31.66 -8.79 -3.44
N GLY C 15 -30.77 -8.97 -2.47
CA GLY C 15 -31.15 -9.34 -1.10
C GLY C 15 -30.56 -10.67 -0.67
N THR C 16 -30.06 -11.47 -1.60
CA THR C 16 -29.56 -12.83 -1.29
C THR C 16 -28.05 -12.76 -1.07
N SER C 17 -27.37 -13.89 -1.21
CA SER C 17 -25.92 -14.00 -0.98
C SER C 17 -25.29 -14.87 -2.06
N MET C 18 -23.97 -14.89 -2.11
CA MET C 18 -23.25 -15.77 -3.06
C MET C 18 -22.06 -16.38 -2.33
N LYS C 19 -21.69 -17.58 -2.76
CA LYS C 19 -20.44 -18.22 -2.31
C LYS C 19 -19.64 -18.65 -3.53
N ILE C 20 -18.35 -18.33 -3.53
CA ILE C 20 -17.42 -18.66 -4.64
C ILE C 20 -16.20 -19.37 -4.06
N SER C 21 -15.80 -20.44 -4.71
CA SER C 21 -14.64 -21.26 -4.31
C SER C 21 -13.40 -20.78 -5.07
N CYS C 22 -12.27 -21.42 -4.79
CA CYS C 22 -10.99 -21.15 -5.46
C CYS C 22 -10.01 -22.27 -5.13
N LYS C 23 -9.81 -23.19 -6.07
CA LYS C 23 -8.92 -24.36 -5.83
C LYS C 23 -7.52 -24.06 -6.35
N ALA C 24 -6.51 -24.25 -5.50
CA ALA C 24 -5.10 -23.89 -5.75
C ALA C 24 -4.31 -25.11 -6.20
N SER C 25 -3.42 -24.92 -7.16
CA SER C 25 -2.36 -25.92 -7.46
C SER C 25 -1.08 -25.21 -7.88
N GLY C 26 0.07 -25.71 -7.46
CA GLY C 26 1.37 -25.29 -8.01
C GLY C 26 2.28 -24.60 -6.99
N PHE C 27 1.78 -23.65 -6.19
CA PHE C 27 2.60 -23.05 -5.11
C PHE C 27 2.26 -23.73 -3.79
N THR C 28 3.12 -23.54 -2.79
CA THR C 28 2.85 -24.07 -1.43
C THR C 28 1.77 -23.17 -0.80
N PHE C 29 0.52 -23.60 -0.88
CA PHE C 29 -0.64 -22.90 -0.26
C PHE C 29 -0.30 -22.48 1.17
N THR C 30 0.46 -23.32 1.86
CA THR C 30 0.84 -23.18 3.29
C THR C 30 1.26 -21.74 3.61
N ARG C 31 1.91 -21.02 2.71
CA ARG C 31 2.53 -19.71 3.10
C ARG C 31 2.05 -18.59 2.19
N SER C 32 0.75 -18.35 2.14
CA SER C 32 0.15 -17.32 1.26
C SER C 32 -1.06 -16.71 1.97
N THR C 33 -1.43 -15.50 1.59
CA THR C 33 -2.63 -14.85 2.13
C THR C 33 -3.56 -14.56 0.97
N MET C 34 -4.48 -15.48 0.70
CA MET C 34 -5.40 -15.40 -0.46
C MET C 34 -6.16 -14.08 -0.47
N GLN C 35 -6.12 -13.38 -1.61
CA GLN C 35 -6.71 -12.03 -1.77
C GLN C 35 -7.84 -12.09 -2.77
N TRP C 36 -8.89 -11.31 -2.53
CA TRP C 36 -10.10 -11.32 -3.38
C TRP C 36 -10.29 -9.94 -4.01
N VAL C 37 -10.78 -9.95 -5.25
CA VAL C 37 -10.92 -8.74 -6.08
C VAL C 37 -12.21 -8.84 -6.89
N ARG C 38 -12.75 -7.70 -7.29
CA ARG C 38 -13.86 -7.69 -8.26
C ARG C 38 -13.67 -6.55 -9.27
N GLN C 39 -14.11 -6.81 -10.49
CA GLN C 39 -14.08 -5.82 -11.60
C GLN C 39 -15.51 -5.66 -12.12
N ALA C 40 -16.13 -4.53 -11.85
CA ALA C 40 -17.41 -4.15 -12.50
C ALA C 40 -17.08 -3.73 -13.93
N ARG C 41 -17.86 -4.24 -14.89
CA ARG C 41 -17.63 -4.09 -16.35
C ARG C 41 -17.26 -2.64 -16.68
N GLY C 42 -16.02 -2.42 -17.14
CA GLY C 42 -15.51 -1.11 -17.59
C GLY C 42 -15.44 -0.11 -16.46
N GLN C 43 -15.17 -0.58 -15.24
CA GLN C 43 -14.88 0.29 -14.08
C GLN C 43 -13.64 -0.26 -13.36
N ARG C 44 -13.36 0.27 -12.16
CA ARG C 44 -12.07 0.03 -11.48
C ARG C 44 -12.07 -1.34 -10.81
N LEU C 45 -10.89 -1.92 -10.65
CA LEU C 45 -10.67 -3.12 -9.82
C LEU C 45 -10.75 -2.73 -8.35
N GLU C 46 -11.36 -3.58 -7.54
CA GLU C 46 -11.61 -3.28 -6.11
C GLU C 46 -11.04 -4.42 -5.27
N TRP C 47 -10.24 -4.09 -4.27
CA TRP C 47 -9.74 -5.09 -3.29
C TRP C 47 -10.85 -5.38 -2.27
N ILE C 48 -11.16 -6.65 -2.04
CA ILE C 48 -12.31 -7.00 -1.15
C ILE C 48 -11.77 -7.39 0.21
N GLY C 49 -10.92 -8.41 0.25
CA GLY C 49 -10.40 -8.92 1.53
C GLY C 49 -9.32 -9.95 1.31
N TRP C 50 -8.82 -10.49 2.41
CA TRP C 50 -7.85 -11.59 2.32
C TRP C 50 -8.02 -12.56 3.49
N ILE C 51 -7.44 -13.73 3.32
CA ILE C 51 -7.27 -14.71 4.42
C ILE C 51 -5.84 -15.22 4.38
N VAL C 52 -5.10 -14.96 5.44
CA VAL C 52 -3.76 -15.59 5.59
C VAL C 52 -4.03 -17.07 5.85
N VAL C 53 -3.28 -17.95 5.22
CA VAL C 53 -3.67 -19.39 5.22
C VAL C 53 -3.20 -19.99 6.54
N GLY C 54 -1.89 -19.99 6.79
CA GLY C 54 -1.31 -20.49 8.06
C GLY C 54 -2.11 -20.06 9.27
N SER C 55 -2.10 -18.78 9.61
CA SER C 55 -2.80 -18.23 10.80
C SER C 55 -4.32 -18.45 10.65
N GLY C 56 -4.88 -18.13 9.49
CA GLY C 56 -6.33 -18.02 9.29
C GLY C 56 -6.84 -16.62 9.60
N ASN C 57 -5.95 -15.71 9.98
CA ASN C 57 -6.24 -14.26 10.16
C ASN C 57 -6.90 -13.73 8.89
N THR C 58 -7.77 -12.72 9.04
CA THR C 58 -8.39 -12.04 7.87
C THR C 58 -8.33 -10.53 8.04
N ASN C 59 -8.68 -9.83 6.96
CA ASN C 59 -9.15 -8.43 7.06
C ASN C 59 -9.85 -8.04 5.76
N TYR C 60 -10.71 -7.04 5.86
CA TYR C 60 -11.63 -6.59 4.79
C TYR C 60 -11.55 -5.07 4.64
N ALA C 61 -12.04 -4.57 3.51
CA ALA C 61 -12.16 -3.12 3.26
C ALA C 61 -13.39 -2.60 4.01
N GLN C 62 -13.31 -1.38 4.55
CA GLN C 62 -14.45 -0.75 5.27
C GLN C 62 -15.74 -0.91 4.45
N LYS C 63 -15.63 -1.14 3.14
CA LYS C 63 -16.77 -1.11 2.19
C LYS C 63 -17.58 -2.41 2.30
N PHE C 64 -16.92 -3.56 2.36
CA PHE C 64 -17.60 -4.88 2.43
C PHE C 64 -17.58 -5.42 3.85
N GLN C 65 -17.22 -4.59 4.83
CA GLN C 65 -16.92 -5.04 6.23
C GLN C 65 -18.00 -6.01 6.71
N GLU C 66 -19.27 -5.65 6.57
CA GLU C 66 -20.37 -6.30 7.32
C GLU C 66 -21.06 -7.40 6.49
N ARG C 67 -20.79 -7.51 5.19
CA ARG C 67 -21.52 -8.48 4.33
C ARG C 67 -20.58 -9.60 3.86
N VAL C 68 -19.26 -9.40 3.95
CA VAL C 68 -18.30 -10.35 3.34
C VAL C 68 -17.85 -11.35 4.41
N THR C 69 -17.53 -12.55 3.98
CA THR C 69 -16.85 -13.56 4.81
C THR C 69 -15.86 -14.32 3.93
N ILE C 70 -14.59 -14.13 4.23
CA ILE C 70 -13.51 -14.87 3.54
C ILE C 70 -13.17 -16.07 4.40
N THR C 71 -12.95 -17.20 3.75
CA THR C 71 -12.63 -18.47 4.43
C THR C 71 -11.70 -19.29 3.54
N ARG C 72 -11.19 -20.37 4.10
CA ARG C 72 -10.29 -21.28 3.35
C ARG C 72 -10.46 -22.71 3.85
N ASP C 73 -9.64 -23.61 3.34
CA ASP C 73 -9.56 -25.03 3.79
C ASP C 73 -8.23 -25.56 3.31
N MET C 74 -7.37 -25.98 4.23
CA MET C 74 -5.98 -26.38 3.91
C MET C 74 -5.97 -27.80 3.36
N SER C 75 -6.97 -28.62 3.69
CA SER C 75 -7.06 -30.02 3.22
C SER C 75 -7.06 -30.03 1.68
N THR C 76 -8.09 -29.44 1.07
CA THR C 76 -8.23 -29.27 -0.39
C THR C 76 -7.31 -28.14 -0.87
N SER C 77 -6.77 -27.31 0.03
CA SER C 77 -6.05 -26.06 -0.35
C SER C 77 -6.98 -25.20 -1.23
N THR C 78 -8.04 -24.69 -0.64
CA THR C 78 -9.12 -23.99 -1.37
C THR C 78 -9.60 -22.80 -0.54
N ALA C 79 -9.89 -21.69 -1.19
CA ALA C 79 -10.41 -20.50 -0.51
C ALA C 79 -11.86 -20.28 -0.93
N TYR C 80 -12.55 -19.44 -0.18
CA TYR C 80 -14.00 -19.21 -0.36
C TYR C 80 -14.34 -17.78 0.01
N MET C 81 -15.24 -17.19 -0.77
CA MET C 81 -15.82 -15.87 -0.47
C MET C 81 -17.33 -16.02 -0.36
N GLU C 82 -17.92 -15.45 0.69
CA GLU C 82 -19.39 -15.34 0.81
C GLU C 82 -19.74 -13.86 0.88
N LEU C 83 -20.74 -13.45 0.12
CA LEU C 83 -21.17 -12.04 0.08
C LEU C 83 -22.67 -11.99 0.38
N SER C 84 -23.04 -11.29 1.44
CA SER C 84 -24.43 -11.26 1.96
C SER C 84 -25.27 -10.29 1.11
N SER C 85 -26.24 -9.65 1.76
CA SER C 85 -27.40 -8.94 1.14
C SER C 85 -26.94 -8.20 -0.12
N LEU C 86 -26.91 -8.89 -1.25
CA LEU C 86 -26.36 -8.38 -2.53
C LEU C 86 -27.20 -7.21 -3.04
N ARG C 87 -26.56 -6.31 -3.79
CA ARG C 87 -27.25 -5.22 -4.51
C ARG C 87 -26.76 -5.22 -5.95
N SER C 88 -27.45 -4.47 -6.79
CA SER C 88 -27.28 -4.51 -8.27
C SER C 88 -25.85 -4.08 -8.64
N GLU C 89 -25.22 -3.20 -7.87
CA GLU C 89 -23.86 -2.69 -8.18
C GLU C 89 -22.78 -3.65 -7.66
N ASP C 90 -23.17 -4.84 -7.21
CA ASP C 90 -22.22 -5.93 -6.89
C ASP C 90 -22.02 -6.84 -8.11
N THR C 91 -22.74 -6.58 -9.20
CA THR C 91 -22.53 -7.30 -10.47
C THR C 91 -21.11 -7.04 -10.94
N ALA C 92 -20.34 -8.09 -11.20
CA ALA C 92 -18.92 -7.99 -11.58
C ALA C 92 -18.25 -9.35 -11.76
N VAL C 93 -16.99 -9.30 -12.10
CA VAL C 93 -16.13 -10.51 -12.22
C VAL C 93 -15.27 -10.56 -10.97
N TYR C 94 -15.44 -11.60 -10.17
CA TYR C 94 -14.69 -11.75 -8.91
C TYR C 94 -13.51 -12.69 -9.14
N TYR C 95 -12.33 -12.26 -8.72
CA TYR C 95 -11.08 -13.05 -8.84
C TYR C 95 -10.55 -13.39 -7.44
N CYS C 96 -10.08 -14.62 -7.27
CA CYS C 96 -9.14 -14.92 -6.18
C CYS C 96 -7.72 -14.75 -6.70
N ALA C 97 -6.78 -14.59 -5.79
CA ALA C 97 -5.36 -14.37 -6.11
C ALA C 97 -4.51 -14.85 -4.92
N ALA C 98 -3.33 -15.39 -5.20
CA ALA C 98 -2.36 -15.74 -4.14
C ALA C 98 -1.47 -14.54 -3.84
N ALA C 99 -0.65 -14.60 -2.80
CA ALA C 99 0.13 -13.45 -2.30
C ALA C 99 1.00 -13.90 -1.13
N PRO C 100 2.23 -13.36 -0.98
CA PRO C 100 3.07 -13.67 0.17
C PRO C 100 2.26 -13.33 1.42
N VAL C 101 2.83 -12.69 2.44
CA VAL C 101 2.07 -12.48 3.70
C VAL C 101 2.03 -11.01 4.14
N GLY C 102 2.77 -10.65 5.19
CA GLY C 102 2.79 -9.27 5.70
C GLY C 102 1.41 -8.63 5.79
N PRO C 103 1.30 -7.29 5.83
CA PRO C 103 0.11 -6.61 5.32
C PRO C 103 0.17 -6.29 3.82
N THR C 104 -0.48 -7.14 2.99
CA THR C 104 -0.58 -7.10 1.50
C THR C 104 0.79 -7.28 0.81
N SER C 105 0.80 -7.51 -0.51
CA SER C 105 2.07 -7.68 -1.26
C SER C 105 1.81 -7.74 -2.77
N SER C 106 2.34 -8.77 -3.42
CA SER C 106 2.19 -9.09 -4.86
C SER C 106 1.15 -10.21 -5.00
N ASP C 107 0.68 -10.54 -6.20
CA ASP C 107 -0.35 -11.62 -6.29
C ASP C 107 -0.43 -12.31 -7.66
N TYR C 108 -0.42 -13.66 -7.63
CA TYR C 108 -0.82 -14.60 -8.71
C TYR C 108 -2.36 -14.66 -8.85
N TRP C 109 -2.89 -15.05 -10.01
CA TRP C 109 -4.33 -14.83 -10.33
C TRP C 109 -5.07 -16.09 -10.80
N GLY C 110 -6.35 -16.16 -10.47
CA GLY C 110 -7.28 -17.18 -10.97
C GLY C 110 -8.04 -16.63 -12.15
N GLN C 111 -9.05 -17.35 -12.62
CA GLN C 111 -9.69 -17.08 -13.93
C GLN C 111 -10.79 -16.02 -13.81
N GLY C 112 -11.37 -15.83 -12.63
CA GLY C 112 -12.50 -14.90 -12.50
C GLY C 112 -13.84 -15.61 -12.57
N THR C 113 -14.85 -14.98 -11.97
CA THR C 113 -16.20 -15.54 -11.81
C THR C 113 -17.19 -14.43 -12.09
N LEU C 114 -17.97 -14.57 -13.15
CA LEU C 114 -18.98 -13.56 -13.49
C LEU C 114 -20.19 -13.80 -12.60
N VAL C 115 -20.62 -12.78 -11.86
CA VAL C 115 -21.87 -12.86 -11.08
C VAL C 115 -22.72 -11.63 -11.37
N THR C 116 -23.99 -11.88 -11.65
CA THR C 116 -24.97 -10.91 -12.15
C THR C 116 -26.11 -10.79 -11.15
N VAL C 117 -26.40 -9.58 -10.70
CA VAL C 117 -27.45 -9.34 -9.69
C VAL C 117 -28.47 -8.35 -10.25
N SER C 118 -29.65 -8.83 -10.58
CA SER C 118 -30.74 -7.93 -11.04
C SER C 118 -32.11 -8.55 -10.80
N SER C 119 -33.10 -7.68 -10.69
CA SER C 119 -34.52 -8.02 -10.46
C SER C 119 -35.09 -8.75 -11.69
N ALA C 120 -34.47 -8.57 -12.86
CA ALA C 120 -35.09 -8.96 -14.15
C ALA C 120 -35.19 -10.47 -14.25
N SER C 121 -36.30 -10.94 -14.81
CA SER C 121 -36.54 -12.36 -15.11
C SER C 121 -35.76 -12.76 -16.36
N THR C 122 -35.64 -14.07 -16.60
CA THR C 122 -35.05 -14.58 -17.87
C THR C 122 -36.01 -14.25 -19.01
N LYS C 123 -35.51 -13.53 -20.00
CA LYS C 123 -36.26 -13.16 -21.22
C LYS C 123 -35.33 -13.34 -22.41
N GLY C 124 -35.87 -13.88 -23.49
CA GLY C 124 -35.15 -14.02 -24.77
C GLY C 124 -35.09 -12.69 -25.51
N PRO C 125 -34.14 -12.54 -26.45
CA PRO C 125 -33.95 -11.27 -27.14
C PRO C 125 -34.83 -11.12 -28.38
N SER C 126 -35.42 -9.95 -28.56
CA SER C 126 -36.18 -9.60 -29.78
C SER C 126 -35.19 -9.09 -30.83
N VAL C 127 -35.37 -9.54 -32.08
CA VAL C 127 -34.38 -9.33 -33.18
C VAL C 127 -35.05 -8.56 -34.33
N PHE C 128 -34.54 -7.36 -34.59
CA PHE C 128 -35.11 -6.43 -35.57
C PHE C 128 -34.09 -6.08 -36.66
N PRO C 129 -34.58 -5.82 -37.89
CA PRO C 129 -33.71 -5.52 -39.02
C PRO C 129 -33.10 -4.11 -39.09
N LEU C 130 -31.78 -4.06 -39.22
CA LEU C 130 -31.06 -2.90 -39.80
C LEU C 130 -30.90 -3.17 -41.30
N ALA C 131 -32.00 -3.02 -42.03
CA ALA C 131 -32.07 -3.25 -43.49
C ALA C 131 -31.32 -2.12 -44.19
N PRO C 132 -30.49 -2.43 -45.21
CA PRO C 132 -29.74 -1.41 -45.92
C PRO C 132 -30.46 -0.78 -47.12
N SER C 133 -30.13 0.48 -47.36
CA SER C 133 -30.56 1.22 -48.56
C SER C 133 -29.68 2.46 -48.74
N SER C 134 -30.12 3.40 -49.59
CA SER C 134 -29.35 4.56 -50.08
C SER C 134 -28.53 5.23 -48.96
N LYS C 135 -29.09 5.37 -47.77
CA LYS C 135 -28.43 6.10 -46.66
C LYS C 135 -27.60 5.13 -45.81
N SER C 136 -27.84 3.83 -45.95
CA SER C 136 -27.15 2.78 -45.14
C SER C 136 -26.05 2.12 -45.97
N THR C 137 -25.49 2.80 -46.97
CA THR C 137 -24.42 2.24 -47.83
C THR C 137 -23.27 3.25 -47.93
N SER C 138 -23.14 3.94 -49.06
CA SER C 138 -22.30 5.16 -49.19
C SER C 138 -20.82 4.77 -49.33
N GLY C 139 -20.28 4.92 -50.56
CA GLY C 139 -18.92 4.51 -50.91
C GLY C 139 -18.89 3.36 -51.89
N GLY C 140 -20.02 2.78 -52.29
CA GLY C 140 -20.00 1.56 -53.10
C GLY C 140 -19.66 0.33 -52.26
N THR C 141 -19.57 0.50 -50.94
CA THR C 141 -19.73 -0.61 -49.97
C THR C 141 -20.99 -0.33 -49.16
N ALA C 142 -21.69 -1.38 -48.74
CA ALA C 142 -22.93 -1.26 -47.97
C ALA C 142 -22.73 -1.85 -46.57
N ALA C 143 -23.68 -1.60 -45.68
CA ALA C 143 -23.67 -2.14 -44.30
C ALA C 143 -25.08 -2.54 -43.89
N LEU C 144 -25.22 -3.74 -43.34
CA LEU C 144 -26.51 -4.24 -42.80
C LEU C 144 -26.31 -4.67 -41.34
N GLY C 145 -27.40 -4.99 -40.65
CA GLY C 145 -27.26 -5.33 -39.22
C GLY C 145 -28.46 -6.01 -38.60
N CYS C 146 -28.22 -6.64 -37.46
CA CYS C 146 -29.24 -7.24 -36.56
C CYS C 146 -29.21 -6.47 -35.24
N LEU C 147 -30.37 -5.97 -34.83
CA LEU C 147 -30.56 -5.32 -33.51
C LEU C 147 -31.25 -6.31 -32.58
N VAL C 148 -30.59 -6.74 -31.53
CA VAL C 148 -31.24 -7.65 -30.55
C VAL C 148 -31.34 -6.91 -29.24
N LYS C 149 -32.57 -6.57 -28.89
CA LYS C 149 -32.88 -5.73 -27.71
C LYS C 149 -33.77 -6.54 -26.77
N ASP C 150 -33.69 -6.23 -25.47
CA ASP C 150 -34.64 -6.75 -24.45
C ASP C 150 -34.34 -8.23 -24.23
N TYR C 151 -33.37 -8.52 -23.37
CA TYR C 151 -32.95 -9.90 -23.03
C TYR C 151 -32.11 -9.89 -21.75
N PHE C 152 -32.21 -10.98 -20.99
CA PHE C 152 -31.47 -11.20 -19.73
C PHE C 152 -31.15 -12.69 -19.59
N PRO C 153 -29.91 -13.06 -19.20
CA PRO C 153 -28.76 -12.16 -19.10
C PRO C 153 -27.71 -12.37 -20.20
N GLU C 154 -26.48 -11.94 -19.95
CA GLU C 154 -25.31 -12.24 -20.83
C GLU C 154 -24.97 -13.72 -20.71
N PRO C 155 -24.33 -14.33 -21.73
CA PRO C 155 -24.10 -13.72 -23.03
C PRO C 155 -25.01 -14.21 -24.16
N VAL C 156 -25.11 -13.39 -25.22
CA VAL C 156 -25.67 -13.82 -26.53
C VAL C 156 -24.50 -14.00 -27.50
N THR C 157 -24.66 -14.90 -28.45
CA THR C 157 -23.69 -15.09 -29.55
C THR C 157 -24.39 -14.80 -30.88
N VAL C 158 -23.71 -14.09 -31.77
CA VAL C 158 -24.27 -13.70 -33.09
C VAL C 158 -23.30 -14.14 -34.18
N SER C 159 -23.81 -14.86 -35.18
CA SER C 159 -23.05 -15.25 -36.38
C SER C 159 -23.81 -14.79 -37.63
N TRP C 160 -23.14 -14.76 -38.77
CA TRP C 160 -23.82 -14.44 -40.05
C TRP C 160 -23.71 -15.62 -41.00
N ASN C 161 -24.80 -15.91 -41.69
CA ASN C 161 -24.92 -17.07 -42.61
C ASN C 161 -24.33 -18.31 -41.92
N SER C 162 -24.66 -18.50 -40.62
CA SER C 162 -24.32 -19.70 -39.83
C SER C 162 -22.80 -19.93 -39.88
N GLY C 163 -22.04 -18.86 -39.63
CA GLY C 163 -20.56 -18.90 -39.56
C GLY C 163 -19.88 -18.68 -40.91
N ALA C 164 -20.61 -18.72 -42.03
CA ALA C 164 -20.01 -18.55 -43.38
C ALA C 164 -19.46 -17.13 -43.54
N LEU C 165 -20.11 -16.13 -42.95
CA LEU C 165 -19.65 -14.72 -43.05
C LEU C 165 -18.91 -14.34 -41.77
N THR C 166 -17.67 -13.89 -41.90
CA THR C 166 -16.85 -13.42 -40.74
C THR C 166 -16.12 -12.12 -41.04
N SER C 167 -16.02 -11.72 -42.31
CA SER C 167 -15.26 -10.52 -42.72
C SER C 167 -16.20 -9.32 -42.83
N GLY C 168 -15.78 -8.17 -42.28
CA GLY C 168 -16.58 -6.93 -42.24
C GLY C 168 -17.61 -6.96 -41.12
N VAL C 169 -17.63 -8.04 -40.32
CA VAL C 169 -18.60 -8.21 -39.20
C VAL C 169 -18.10 -7.45 -37.99
N HIS C 170 -18.96 -6.67 -37.36
CA HIS C 170 -18.62 -5.91 -36.12
C HIS C 170 -19.70 -6.12 -35.07
N THR C 171 -19.73 -7.31 -34.45
CA THR C 171 -20.55 -7.60 -33.24
C THR C 171 -20.19 -6.60 -32.16
N PHE C 172 -21.17 -6.05 -31.45
CA PHE C 172 -20.91 -4.94 -30.52
C PHE C 172 -20.97 -5.39 -29.06
N PRO C 173 -20.34 -4.63 -28.16
CA PRO C 173 -20.60 -4.74 -26.73
C PRO C 173 -22.03 -4.35 -26.35
N ALA C 174 -22.70 -5.22 -25.58
CA ALA C 174 -24.06 -4.99 -25.08
C ALA C 174 -24.03 -3.80 -24.13
N VAL C 175 -25.17 -3.14 -24.04
CA VAL C 175 -25.36 -1.97 -23.14
C VAL C 175 -26.61 -2.23 -22.31
N LEU C 176 -26.48 -2.15 -20.98
CA LEU C 176 -27.58 -2.41 -20.05
C LEU C 176 -28.50 -1.20 -20.06
N GLN C 177 -29.68 -1.34 -20.68
CA GLN C 177 -30.67 -0.25 -20.80
C GLN C 177 -31.16 0.09 -19.38
N SER C 178 -31.80 1.25 -19.22
CA SER C 178 -32.43 1.66 -17.93
C SER C 178 -33.40 0.57 -17.45
N SER C 179 -33.93 -0.24 -18.36
CA SER C 179 -34.99 -1.24 -18.13
C SER C 179 -34.41 -2.56 -17.59
N GLY C 180 -33.14 -2.61 -17.19
CA GLY C 180 -32.49 -3.84 -16.70
C GLY C 180 -32.36 -4.93 -17.74
N LEU C 181 -32.66 -4.64 -19.01
CA LEU C 181 -32.61 -5.62 -20.12
C LEU C 181 -31.46 -5.26 -21.04
N TYR C 182 -30.63 -6.23 -21.38
CA TYR C 182 -29.45 -5.98 -22.24
C TYR C 182 -29.90 -5.77 -23.69
N SER C 183 -29.05 -5.11 -24.47
CA SER C 183 -29.29 -4.76 -25.90
C SER C 183 -27.97 -4.59 -26.63
N LEU C 184 -27.90 -5.03 -27.89
CA LEU C 184 -26.70 -4.83 -28.74
C LEU C 184 -27.05 -4.96 -30.22
N SER C 185 -26.04 -4.74 -31.07
CA SER C 185 -26.13 -4.90 -32.54
C SER C 185 -24.95 -5.71 -33.06
N SER C 186 -25.19 -6.39 -34.17
CA SER C 186 -24.12 -6.95 -35.04
C SER C 186 -24.32 -6.44 -36.46
N VAL C 187 -23.25 -5.95 -37.07
CA VAL C 187 -23.33 -5.31 -38.42
C VAL C 187 -22.29 -5.96 -39.33
N VAL C 188 -22.40 -5.69 -40.61
CA VAL C 188 -21.35 -6.10 -41.58
C VAL C 188 -21.34 -5.12 -42.76
N THR C 189 -20.16 -4.97 -43.36
CA THR C 189 -19.92 -4.11 -44.54
C THR C 189 -19.57 -5.03 -45.70
N VAL C 190 -20.39 -5.02 -46.74
CA VAL C 190 -20.26 -5.95 -47.89
C VAL C 190 -20.13 -5.11 -49.15
N PRO C 191 -19.60 -5.69 -50.24
CA PRO C 191 -19.60 -4.99 -51.53
C PRO C 191 -21.06 -4.72 -51.92
N SER C 192 -21.33 -3.50 -52.37
CA SER C 192 -22.72 -3.02 -52.63
C SER C 192 -23.44 -3.95 -53.61
N SER C 193 -22.72 -4.49 -54.59
CA SER C 193 -23.26 -5.40 -55.64
C SER C 193 -23.72 -6.73 -55.01
N SER C 194 -23.05 -7.17 -53.94
CA SER C 194 -23.31 -8.49 -53.30
C SER C 194 -24.80 -8.62 -52.98
N LEU C 195 -25.40 -7.54 -52.49
CA LEU C 195 -26.86 -7.50 -52.23
C LEU C 195 -27.56 -7.74 -53.56
N GLY C 196 -28.44 -8.73 -53.61
CA GLY C 196 -29.07 -9.19 -54.87
C GLY C 196 -28.41 -10.48 -55.33
N THR C 197 -27.11 -10.64 -55.06
CA THR C 197 -26.33 -11.84 -55.44
C THR C 197 -26.23 -12.81 -54.25
N GLN C 198 -26.67 -12.40 -53.07
CA GLN C 198 -26.34 -13.16 -51.83
C GLN C 198 -27.19 -12.68 -50.65
N THR C 199 -28.10 -13.51 -50.15
CA THR C 199 -28.90 -13.16 -48.96
C THR C 199 -28.01 -13.23 -47.72
N TYR C 200 -28.40 -12.49 -46.70
CA TYR C 200 -27.60 -12.29 -45.47
C TYR C 200 -28.50 -12.54 -44.27
N ILE C 201 -28.19 -13.56 -43.48
CA ILE C 201 -29.00 -13.92 -42.30
C ILE C 201 -28.08 -13.92 -41.08
N CYS C 202 -28.54 -13.27 -40.01
CA CYS C 202 -27.85 -13.31 -38.71
C CYS C 202 -28.53 -14.36 -37.82
N ASN C 203 -27.69 -15.03 -37.04
CA ASN C 203 -28.11 -16.07 -36.06
C ASN C 203 -27.82 -15.54 -34.66
N VAL C 204 -28.89 -15.34 -33.88
CA VAL C 204 -28.82 -14.92 -32.46
C VAL C 204 -29.01 -16.17 -31.61
N ASN C 205 -28.19 -16.33 -30.58
CA ASN C 205 -28.16 -17.57 -29.79
C ASN C 205 -27.96 -17.20 -28.32
N HIS C 206 -29.01 -17.37 -27.51
CA HIS C 206 -29.04 -16.94 -26.09
C HIS C 206 -28.51 -18.07 -25.20
N LYS C 207 -28.00 -17.68 -24.02
CA LYS C 207 -27.46 -18.59 -22.97
C LYS C 207 -28.41 -19.77 -22.80
N PRO C 208 -29.70 -19.58 -22.41
CA PRO C 208 -30.66 -20.70 -22.40
C PRO C 208 -31.04 -21.19 -23.80
N SER C 209 -32.34 -21.27 -24.10
CA SER C 209 -32.84 -21.75 -25.41
C SER C 209 -32.73 -20.62 -26.45
N ASN C 210 -33.86 -20.03 -26.82
CA ASN C 210 -33.97 -18.71 -27.50
C ASN C 210 -32.94 -18.55 -28.65
N THR C 211 -33.26 -18.92 -29.89
CA THR C 211 -32.40 -18.64 -31.10
C THR C 211 -33.25 -18.18 -32.29
N LYS C 212 -33.40 -16.86 -32.46
CA LYS C 212 -34.11 -16.30 -33.64
C LYS C 212 -33.12 -16.17 -34.80
N VAL C 213 -33.54 -16.63 -35.98
CA VAL C 213 -32.72 -16.69 -37.21
C VAL C 213 -33.35 -15.77 -38.25
N ASP C 214 -32.66 -14.74 -38.71
CA ASP C 214 -33.37 -13.62 -39.40
C ASP C 214 -32.64 -13.11 -40.65
N LYS C 215 -33.45 -12.81 -41.67
CA LYS C 215 -33.05 -12.46 -43.05
C LYS C 215 -33.13 -10.94 -43.24
N ARG C 216 -31.98 -10.30 -43.34
CA ARG C 216 -31.86 -8.84 -43.45
C ARG C 216 -31.61 -8.48 -44.91
N VAL C 217 -32.62 -7.95 -45.60
CA VAL C 217 -32.58 -7.85 -47.08
C VAL C 217 -32.70 -6.38 -47.52
N GLU C 218 -33.76 -6.03 -48.23
CA GLU C 218 -33.97 -4.65 -48.75
C GLU C 218 -32.67 -4.15 -49.38
N ASP D 1 -8.93 4.63 1.68
CA ASP D 1 -8.82 6.02 1.14
C ASP D 1 -7.35 6.35 0.85
N ILE D 2 -7.04 6.68 -0.40
CA ILE D 2 -5.65 6.98 -0.86
C ILE D 2 -5.69 7.51 -2.30
N GLN D 3 -6.72 7.12 -3.05
CA GLN D 3 -6.98 7.53 -4.45
C GLN D 3 -5.71 7.52 -5.30
N MET D 4 -5.63 6.54 -6.19
CA MET D 4 -4.54 6.37 -7.20
C MET D 4 -5.06 6.78 -8.58
N THR D 5 -4.25 7.48 -9.36
CA THR D 5 -4.64 7.86 -10.75
C THR D 5 -3.58 7.40 -11.74
N GLN D 6 -3.97 7.30 -13.00
CA GLN D 6 -3.08 6.89 -14.12
C GLN D 6 -3.11 7.97 -15.21
N SER D 7 -2.05 8.03 -15.99
CA SER D 7 -1.94 8.95 -17.15
C SER D 7 -0.99 8.32 -18.15
N PRO D 8 -1.38 8.26 -19.44
CA PRO D 8 -2.69 8.74 -19.90
C PRO D 8 -3.76 7.64 -19.92
N SER D 9 -5.03 8.01 -20.08
CA SER D 9 -6.14 7.05 -20.11
C SER D 9 -5.93 6.03 -21.22
N SER D 10 -5.48 6.51 -22.39
CA SER D 10 -5.12 5.63 -23.53
C SER D 10 -3.92 6.23 -24.26
N LEU D 11 -3.05 5.37 -24.76
CA LEU D 11 -1.82 5.77 -25.47
C LEU D 11 -1.66 4.89 -26.71
N SER D 12 -1.21 5.47 -27.81
CA SER D 12 -1.00 4.76 -29.10
C SER D 12 0.47 4.74 -29.46
N ALA D 13 1.05 3.55 -29.61
CA ALA D 13 2.43 3.36 -30.12
C ALA D 13 2.45 2.15 -31.06
N SER D 14 3.51 2.02 -31.85
CA SER D 14 3.67 0.93 -32.84
C SER D 14 4.72 -0.08 -32.36
N VAL D 15 4.81 -1.20 -33.06
CA VAL D 15 5.72 -2.32 -32.67
C VAL D 15 7.15 -1.77 -32.57
N GLY D 16 7.89 -2.22 -31.55
CA GLY D 16 9.31 -1.92 -31.36
C GLY D 16 9.52 -0.57 -30.68
N ASP D 17 8.45 0.12 -30.32
CA ASP D 17 8.52 1.46 -29.67
C ASP D 17 9.04 1.35 -28.23
N ARG D 18 9.06 2.48 -27.56
CA ARG D 18 9.26 2.59 -26.08
C ARG D 18 8.15 3.48 -25.53
N VAL D 19 7.48 3.03 -24.49
CA VAL D 19 6.32 3.75 -23.89
C VAL D 19 6.62 4.01 -22.41
N THR D 20 6.04 5.04 -21.82
CA THR D 20 6.36 5.41 -20.42
C THR D 20 5.23 5.02 -19.47
N ILE D 21 3.99 5.52 -19.68
CA ILE D 21 2.83 5.23 -18.79
C ILE D 21 3.17 5.59 -17.34
N THR D 22 2.31 6.34 -16.67
CA THR D 22 2.67 6.98 -15.38
C THR D 22 1.52 6.90 -14.38
N CYS D 23 1.80 6.43 -13.18
CA CYS D 23 0.83 6.41 -12.08
C CYS D 23 1.17 7.48 -11.03
N ARG D 24 0.16 7.94 -10.30
CA ARG D 24 0.30 9.08 -9.36
C ARG D 24 -0.53 8.78 -8.12
N ALA D 25 0.07 9.00 -6.95
CA ALA D 25 -0.52 8.65 -5.63
C ALA D 25 -0.81 9.94 -4.86
N SER D 26 -1.90 9.98 -4.10
CA SER D 26 -2.34 11.18 -3.37
C SER D 26 -1.54 11.34 -2.06
N GLN D 27 -1.64 10.38 -1.15
CA GLN D 27 -1.07 10.52 0.22
C GLN D 27 0.30 9.85 0.27
N SER D 28 1.09 9.95 -0.79
CA SER D 28 2.50 9.44 -0.87
C SER D 28 2.66 8.05 -0.25
N ILE D 29 2.45 6.98 -1.02
CA ILE D 29 3.01 5.64 -0.69
C ILE D 29 4.51 5.71 -0.90
N ILE D 30 5.29 4.80 -0.32
CA ILE D 30 6.77 4.98 -0.43
C ILE D 30 7.23 4.26 -1.69
N ASN D 31 7.29 2.95 -1.70
CA ASN D 31 7.48 2.22 -2.97
C ASN D 31 6.59 1.00 -2.92
N TYR D 32 5.43 1.13 -2.29
CA TYR D 32 4.43 0.04 -2.18
C TYR D 32 3.52 0.15 -3.40
N LEU D 33 4.02 -0.29 -4.56
CA LEU D 33 3.26 -0.16 -5.84
C LEU D 33 3.51 -1.34 -6.79
N ASN D 34 2.45 -1.95 -7.28
CA ASN D 34 2.56 -3.05 -8.28
C ASN D 34 2.01 -2.58 -9.61
N TRP D 35 2.48 -3.21 -10.70
CA TRP D 35 1.98 -2.98 -12.08
C TRP D 35 1.45 -4.30 -12.64
N TYR D 36 0.20 -4.29 -13.10
CA TYR D 36 -0.52 -5.44 -13.67
C TYR D 36 -0.83 -5.16 -15.14
N GLN D 37 -0.84 -6.21 -15.93
CA GLN D 37 -1.28 -6.20 -17.35
C GLN D 37 -2.62 -6.92 -17.45
N GLN D 38 -3.47 -6.51 -18.36
CA GLN D 38 -4.78 -7.19 -18.53
C GLN D 38 -5.24 -7.11 -19.97
N LYS D 39 -5.65 -8.27 -20.47
CA LYS D 39 -6.27 -8.45 -21.81
C LYS D 39 -7.72 -8.92 -21.63
N PRO D 40 -8.67 -8.45 -22.46
CA PRO D 40 -10.09 -8.71 -22.21
C PRO D 40 -10.42 -10.21 -22.26
N GLY D 41 -11.34 -10.62 -21.39
CA GLY D 41 -11.71 -12.03 -21.21
C GLY D 41 -10.80 -12.75 -20.21
N ARG D 42 -9.55 -12.33 -20.08
CA ARG D 42 -8.55 -13.00 -19.20
C ARG D 42 -8.30 -12.12 -17.97
N ALA D 43 -7.69 -12.75 -16.96
CA ALA D 43 -7.38 -12.16 -15.63
C ALA D 43 -6.01 -11.50 -15.65
N PRO D 44 -5.81 -10.44 -14.84
CA PRO D 44 -4.54 -9.73 -14.79
C PRO D 44 -3.30 -10.61 -14.60
N LYS D 45 -2.16 -10.07 -14.94
CA LYS D 45 -0.85 -10.69 -14.66
C LYS D 45 0.01 -9.66 -13.95
N LEU D 46 0.84 -10.14 -13.03
CA LEU D 46 1.77 -9.27 -12.30
C LEU D 46 2.99 -9.00 -13.19
N LEU D 47 3.24 -7.73 -13.45
CA LEU D 47 4.47 -7.30 -14.13
C LEU D 47 5.49 -6.90 -13.08
N ILE D 48 5.20 -5.89 -12.28
CA ILE D 48 6.23 -5.28 -11.40
C ILE D 48 5.72 -5.28 -9.96
N TYR D 49 6.56 -5.72 -9.03
CA TYR D 49 6.32 -5.57 -7.58
C TYR D 49 7.33 -4.60 -6.99
N ALA D 50 7.04 -4.15 -5.77
CA ALA D 50 7.71 -3.00 -5.12
C ALA D 50 7.50 -1.76 -5.99
N ALA D 51 8.31 -1.56 -7.03
CA ALA D 51 8.19 -0.45 -7.99
C ALA D 51 9.31 -0.61 -9.01
N SER D 52 10.22 -1.53 -8.74
CA SER D 52 11.35 -1.87 -9.61
C SER D 52 11.50 -3.40 -9.74
N SER D 53 11.09 -4.15 -8.71
CA SER D 53 11.23 -5.62 -8.69
C SER D 53 10.39 -6.23 -9.81
N LEU D 54 11.06 -6.93 -10.72
CA LEU D 54 10.39 -7.66 -11.81
C LEU D 54 10.16 -9.11 -11.36
N LEU D 55 8.99 -9.63 -11.66
CA LEU D 55 8.63 -11.04 -11.38
C LEU D 55 9.45 -11.96 -12.29
N SER D 56 9.91 -13.07 -11.72
CA SER D 56 10.60 -14.14 -12.48
C SER D 56 9.64 -14.70 -13.52
N GLY D 57 10.05 -14.71 -14.79
CA GLY D 57 9.22 -15.17 -15.91
C GLY D 57 8.58 -14.02 -16.69
N VAL D 58 8.72 -12.78 -16.22
CA VAL D 58 8.27 -11.63 -17.04
C VAL D 58 9.41 -11.23 -17.97
N PRO D 59 9.13 -11.02 -19.28
CA PRO D 59 10.16 -10.53 -20.21
C PRO D 59 10.77 -9.23 -19.69
N SER D 60 12.10 -9.13 -19.76
CA SER D 60 12.85 -8.00 -19.16
C SER D 60 12.63 -6.74 -19.99
N ARG D 61 11.86 -6.80 -21.07
CA ARG D 61 11.33 -5.60 -21.77
C ARG D 61 10.82 -4.60 -20.73
N PHE D 62 9.75 -4.98 -20.04
CA PHE D 62 9.03 -4.13 -19.04
C PHE D 62 10.01 -3.71 -17.96
N SER D 63 9.84 -2.51 -17.44
CA SER D 63 10.70 -1.98 -16.35
C SER D 63 9.96 -0.89 -15.59
N GLY D 64 10.29 -0.71 -14.31
CA GLY D 64 9.54 0.20 -13.44
C GLY D 64 10.47 1.10 -12.63
N SER D 65 9.92 2.21 -12.18
CA SER D 65 10.58 3.11 -11.21
C SER D 65 9.52 4.00 -10.56
N GLY D 66 9.95 4.78 -9.57
CA GLY D 66 9.05 5.72 -8.88
C GLY D 66 9.74 6.46 -7.76
N SER D 67 8.97 7.25 -7.02
CA SER D 67 9.44 7.99 -5.83
C SER D 67 8.44 7.71 -4.71
N GLY D 68 7.65 8.70 -4.34
CA GLY D 68 6.60 8.53 -3.33
C GLY D 68 5.23 8.71 -3.93
N THR D 69 5.07 9.71 -4.79
CA THR D 69 3.78 9.99 -5.47
C THR D 69 3.86 9.52 -6.92
N ASP D 70 4.93 9.90 -7.62
CA ASP D 70 5.01 9.72 -9.10
C ASP D 70 5.77 8.43 -9.38
N PHE D 71 5.13 7.50 -10.08
CA PHE D 71 5.75 6.24 -10.55
C PHE D 71 5.56 6.13 -12.05
N THR D 72 6.42 5.33 -12.68
CA THR D 72 6.43 5.13 -14.15
C THR D 72 6.78 3.68 -14.48
N LEU D 73 6.16 3.13 -15.52
CA LEU D 73 6.51 1.78 -16.05
C LEU D 73 6.77 1.87 -17.53
N THR D 74 8.01 1.71 -17.95
CA THR D 74 8.37 1.77 -19.39
C THR D 74 8.36 0.36 -19.98
N ILE D 75 8.14 0.25 -21.27
CA ILE D 75 8.17 -1.07 -21.95
C ILE D 75 9.48 -1.24 -22.71
N SER D 76 9.75 -0.38 -23.69
CA SER D 76 11.03 -0.41 -24.46
C SER D 76 11.18 -1.74 -25.19
N SER D 77 10.96 -1.73 -26.51
CA SER D 77 10.88 -2.90 -27.42
C SER D 77 9.47 -3.46 -27.34
N LEU D 78 8.50 -2.61 -27.63
CA LEU D 78 7.06 -2.94 -27.56
C LEU D 78 6.76 -4.06 -28.56
N GLN D 79 6.29 -5.20 -28.04
CA GLN D 79 5.99 -6.43 -28.81
C GLN D 79 4.50 -6.46 -29.12
N PRO D 80 3.98 -7.35 -30.00
CA PRO D 80 2.56 -7.33 -30.33
C PRO D 80 1.61 -7.74 -29.19
N GLU D 81 2.07 -8.54 -28.24
CA GLU D 81 1.22 -9.02 -27.12
C GLU D 81 1.31 -8.04 -25.94
N ASP D 82 1.84 -6.83 -26.15
CA ASP D 82 1.90 -5.76 -25.12
C ASP D 82 0.85 -4.70 -25.41
N PHE D 83 -0.20 -5.04 -26.16
CA PHE D 83 -1.31 -4.09 -26.46
C PHE D 83 -2.48 -4.46 -25.57
N ALA D 84 -2.38 -4.05 -24.32
CA ALA D 84 -3.35 -4.41 -23.27
C ALA D 84 -3.74 -3.15 -22.51
N THR D 85 -4.50 -3.31 -21.44
CA THR D 85 -4.72 -2.20 -20.48
C THR D 85 -3.88 -2.48 -19.26
N TYR D 86 -3.20 -1.47 -18.75
CA TYR D 86 -2.21 -1.61 -17.66
C TYR D 86 -2.71 -0.89 -16.41
N TYR D 87 -2.54 -1.53 -15.26
CA TYR D 87 -3.15 -1.10 -13.97
C TYR D 87 -2.07 -0.93 -12.91
N CYS D 88 -2.01 0.23 -12.27
CA CYS D 88 -1.11 0.47 -11.12
C CYS D 88 -1.91 0.23 -9.84
N GLN D 89 -1.26 -0.35 -8.85
CA GLN D 89 -1.91 -0.62 -7.54
C GLN D 89 -0.96 -0.18 -6.43
N GLN D 90 -1.55 0.22 -5.31
CA GLN D 90 -0.81 0.59 -4.09
C GLN D 90 -0.97 -0.53 -3.06
N SER D 91 0.12 -0.92 -2.44
CA SER D 91 0.10 -1.76 -1.20
C SER D 91 -0.12 -0.85 0.02
N TYR D 92 0.84 -0.80 0.92
CA TYR D 92 0.88 0.24 1.99
C TYR D 92 -0.41 0.22 2.80
N SER D 93 -1.34 1.09 2.41
CA SER D 93 -2.51 1.44 3.24
C SER D 93 -3.87 0.99 2.71
N THR D 94 -4.87 1.38 3.51
CA THR D 94 -6.34 1.17 3.44
C THR D 94 -6.74 0.02 2.53
N PRO D 95 -7.61 0.26 1.53
CA PRO D 95 -8.11 -0.79 0.67
C PRO D 95 -7.22 -1.13 -0.52
N TYR D 96 -5.93 -0.80 -0.44
CA TYR D 96 -4.98 -1.12 -1.53
C TYR D 96 -5.60 -0.83 -2.90
N THR D 97 -5.78 0.43 -3.25
CA THR D 97 -6.59 0.81 -4.43
C THR D 97 -5.77 0.69 -5.72
N PHE D 98 -6.49 0.36 -6.79
CA PHE D 98 -5.96 0.20 -8.16
C PHE D 98 -6.04 1.56 -8.87
N GLY D 99 -5.42 1.64 -10.04
CA GLY D 99 -5.44 2.86 -10.88
C GLY D 99 -6.65 2.91 -11.77
N GLN D 100 -6.90 4.07 -12.38
CA GLN D 100 -8.02 4.29 -13.34
C GLN D 100 -7.93 3.21 -14.41
N GLY D 101 -6.71 3.01 -14.93
CA GLY D 101 -6.40 2.11 -16.05
C GLY D 101 -5.86 2.90 -17.23
N THR D 102 -4.89 2.33 -17.93
CA THR D 102 -4.36 2.86 -19.20
C THR D 102 -4.35 1.75 -20.24
N LYS D 103 -4.87 2.04 -21.43
CA LYS D 103 -4.86 1.07 -22.55
C LYS D 103 -3.84 1.52 -23.60
N LEU D 104 -3.06 0.58 -24.11
CA LEU D 104 -2.15 0.80 -25.26
C LEU D 104 -2.84 0.28 -26.52
N GLU D 105 -2.86 1.13 -27.56
CA GLU D 105 -3.40 0.76 -28.90
C GLU D 105 -2.26 0.79 -29.93
N ILE D 106 -2.45 0.05 -31.03
CA ILE D 106 -1.53 0.10 -32.19
C ILE D 106 -1.62 1.50 -32.80
N LYS D 107 -0.50 2.23 -32.76
CA LYS D 107 -0.37 3.59 -33.37
C LYS D 107 -0.03 3.42 -34.85
N GLY D 108 -0.44 2.30 -35.44
CA GLY D 108 -0.47 2.18 -36.89
C GLY D 108 -1.61 3.01 -37.42
N GLN D 109 -2.25 2.48 -38.44
CA GLN D 109 -3.40 3.08 -39.13
C GLN D 109 -3.23 4.59 -39.18
N PRO D 110 -2.69 5.14 -40.27
CA PRO D 110 -2.92 6.55 -40.57
C PRO D 110 -4.39 6.93 -40.36
N LYS D 111 -4.58 8.21 -40.09
CA LYS D 111 -5.89 8.89 -39.94
C LYS D 111 -6.83 8.29 -40.97
N ALA D 112 -7.90 7.70 -40.47
CA ALA D 112 -8.86 6.98 -41.31
C ALA D 112 -10.24 7.53 -41.00
N ALA D 113 -10.76 8.38 -41.87
CA ALA D 113 -12.12 8.91 -41.73
C ALA D 113 -13.09 7.75 -41.67
N PRO D 114 -14.17 7.87 -40.88
CA PRO D 114 -15.13 6.78 -40.77
C PRO D 114 -16.12 6.70 -41.93
N SER D 115 -16.60 5.52 -42.22
CA SER D 115 -17.73 5.33 -43.16
C SER D 115 -19.03 5.44 -42.34
N VAL D 116 -19.86 6.43 -42.64
CA VAL D 116 -21.03 6.78 -41.81
C VAL D 116 -22.29 6.26 -42.49
N THR D 117 -23.03 5.42 -41.78
CA THR D 117 -24.25 4.77 -42.31
C THR D 117 -25.32 4.80 -41.22
N LEU D 118 -26.59 4.78 -41.61
CA LEU D 118 -27.71 5.01 -40.67
C LEU D 118 -28.88 4.10 -40.99
N PHE D 119 -29.62 3.71 -39.96
CA PHE D 119 -30.76 2.78 -40.08
C PHE D 119 -31.98 3.33 -39.37
N PRO D 120 -33.08 3.57 -40.13
CA PRO D 120 -34.39 3.86 -39.52
C PRO D 120 -34.94 2.62 -38.84
N PRO D 121 -35.87 2.78 -37.87
CA PRO D 121 -36.43 1.63 -37.18
C PRO D 121 -37.19 0.75 -38.17
N SER D 122 -36.96 -0.56 -38.08
CA SER D 122 -37.79 -1.56 -38.77
C SER D 122 -39.24 -1.38 -38.32
N SER D 123 -40.19 -1.67 -39.19
CA SER D 123 -41.62 -1.69 -38.81
C SER D 123 -41.90 -2.97 -38.02
N GLU D 124 -41.13 -4.03 -38.29
CA GLU D 124 -41.15 -5.27 -37.46
C GLU D 124 -40.97 -4.87 -35.99
N GLU D 125 -40.00 -4.00 -35.73
CA GLU D 125 -39.68 -3.52 -34.35
C GLU D 125 -40.57 -2.32 -34.03
N LEU D 126 -41.22 -1.74 -35.03
CA LEU D 126 -42.18 -0.64 -34.79
C LEU D 126 -43.53 -1.20 -34.35
N GLN D 127 -43.79 -2.50 -34.61
CA GLN D 127 -45.07 -3.14 -34.18
C GLN D 127 -45.16 -3.04 -32.66
N ALA D 128 -44.04 -3.17 -31.95
CA ALA D 128 -43.98 -2.97 -30.49
C ALA D 128 -44.02 -1.47 -30.18
N ASN D 129 -43.97 -1.12 -28.90
CA ASN D 129 -43.98 0.29 -28.45
C ASN D 129 -42.63 0.92 -28.77
N LYS D 130 -41.56 0.15 -28.84
CA LYS D 130 -40.25 0.81 -28.97
C LYS D 130 -39.92 1.02 -30.44
N ALA D 131 -38.98 1.93 -30.69
CA ALA D 131 -38.64 2.44 -32.03
C ALA D 131 -37.27 3.09 -31.95
N THR D 132 -36.26 2.42 -32.48
CA THR D 132 -34.86 2.84 -32.28
C THR D 132 -34.16 2.98 -33.62
N LEU D 133 -33.24 3.93 -33.70
CA LEU D 133 -32.47 4.20 -34.94
C LEU D 133 -30.98 4.05 -34.64
N VAL D 134 -30.26 3.43 -35.56
CA VAL D 134 -28.82 3.13 -35.31
C VAL D 134 -27.93 3.87 -36.31
N CYS D 135 -27.09 4.74 -35.79
CA CYS D 135 -25.97 5.37 -36.52
C CYS D 135 -24.75 4.50 -36.34
N LEU D 136 -24.19 3.99 -37.43
CA LEU D 136 -22.96 3.20 -37.35
C LEU D 136 -21.82 3.96 -38.02
N ILE D 137 -20.70 4.02 -37.34
CA ILE D 137 -19.48 4.70 -37.83
C ILE D 137 -18.41 3.62 -37.95
N SER D 138 -18.28 3.02 -39.13
CA SER D 138 -17.46 1.81 -39.35
C SER D 138 -16.04 2.21 -39.75
N ASP D 139 -15.07 1.50 -39.17
CA ASP D 139 -13.63 1.59 -39.51
C ASP D 139 -13.19 3.04 -39.52
N PHE D 140 -12.55 3.49 -38.45
CA PHE D 140 -11.88 4.81 -38.38
C PHE D 140 -10.77 4.78 -37.35
N TYR D 141 -9.89 5.76 -37.42
CA TYR D 141 -8.73 5.94 -36.53
C TYR D 141 -8.22 7.36 -36.65
N PRO D 142 -8.04 8.16 -35.56
CA PRO D 142 -7.98 7.68 -34.17
C PRO D 142 -9.28 7.32 -33.45
N GLY D 143 -9.16 6.92 -32.18
CA GLY D 143 -10.28 6.55 -31.29
C GLY D 143 -11.27 7.68 -31.11
N ALA D 144 -10.77 8.90 -30.96
CA ALA D 144 -11.55 10.09 -30.52
C ALA D 144 -12.41 10.62 -31.68
N VAL D 145 -13.73 10.57 -31.52
CA VAL D 145 -14.73 11.15 -32.46
C VAL D 145 -15.95 11.68 -31.70
N THR D 146 -16.82 12.39 -32.40
CA THR D 146 -18.07 12.97 -31.86
C THR D 146 -19.25 12.59 -32.76
N VAL D 147 -20.40 12.31 -32.18
CA VAL D 147 -21.65 12.07 -32.95
C VAL D 147 -22.84 12.67 -32.20
N ALA D 148 -23.50 13.66 -32.79
CA ALA D 148 -24.68 14.33 -32.23
C ALA D 148 -25.91 14.03 -33.11
N TRP D 149 -27.07 13.92 -32.47
CA TRP D 149 -28.33 13.50 -33.14
C TRP D 149 -29.24 14.70 -33.31
N LYS D 150 -29.89 14.83 -34.46
CA LYS D 150 -30.80 15.96 -34.72
C LYS D 150 -32.15 15.41 -35.20
N ALA D 151 -33.22 15.81 -34.51
CA ALA D 151 -34.60 15.44 -34.90
C ALA D 151 -35.36 16.72 -35.26
N ASP D 152 -35.58 16.92 -36.56
CA ASP D 152 -36.21 18.15 -37.10
C ASP D 152 -35.35 19.36 -36.71
N SER D 153 -34.03 19.18 -36.73
CA SER D 153 -33.02 20.25 -36.47
C SER D 153 -33.00 20.60 -34.98
N SER D 154 -32.78 19.61 -34.09
CA SER D 154 -32.56 19.89 -32.65
C SER D 154 -31.91 18.68 -31.96
N PRO D 155 -30.83 18.87 -31.19
CA PRO D 155 -30.12 17.79 -30.52
C PRO D 155 -30.06 17.83 -28.99
N VAL D 156 -28.99 17.25 -28.44
CA VAL D 156 -28.69 17.08 -26.98
C VAL D 156 -29.47 15.86 -26.44
N LYS D 157 -30.28 16.03 -25.38
CA LYS D 157 -31.17 15.01 -24.75
C LYS D 157 -30.38 13.72 -24.49
N ALA D 158 -30.89 12.54 -24.86
CA ALA D 158 -30.25 11.26 -24.51
C ALA D 158 -30.49 10.13 -25.53
N GLY D 159 -29.39 9.45 -25.87
CA GLY D 159 -29.27 8.28 -26.76
C GLY D 159 -28.01 7.52 -26.37
N VAL D 160 -28.01 6.20 -26.47
CA VAL D 160 -26.92 5.30 -25.98
C VAL D 160 -25.87 5.14 -27.09
N GLU D 161 -24.74 4.52 -26.78
CA GLU D 161 -23.61 4.31 -27.74
C GLU D 161 -22.64 3.27 -27.19
N THR D 162 -21.97 2.55 -28.09
CA THR D 162 -20.97 1.51 -27.75
C THR D 162 -19.95 1.36 -28.89
N THR D 163 -18.72 1.04 -28.49
CA THR D 163 -17.53 1.09 -29.38
C THR D 163 -16.89 -0.29 -29.46
N THR D 164 -16.28 -0.58 -30.61
CA THR D 164 -15.74 -1.90 -30.99
C THR D 164 -14.42 -2.14 -30.27
N PRO D 165 -14.10 -3.42 -29.93
CA PRO D 165 -12.82 -3.79 -29.33
C PRO D 165 -11.63 -2.92 -29.75
N SER D 166 -11.00 -3.23 -30.88
CA SER D 166 -9.73 -2.59 -31.28
C SER D 166 -9.42 -2.85 -32.74
N LYS D 167 -9.31 -4.09 -33.21
CA LYS D 167 -8.68 -4.23 -34.55
C LYS D 167 -8.71 -5.62 -35.19
N GLN D 168 -8.33 -6.66 -34.46
CA GLN D 168 -7.85 -7.95 -35.03
C GLN D 168 -6.97 -7.73 -36.26
N SER D 169 -7.46 -7.07 -37.31
CA SER D 169 -6.78 -6.97 -38.63
C SER D 169 -6.43 -5.51 -38.94
N ASN D 170 -7.44 -4.67 -39.19
CA ASN D 170 -7.24 -3.34 -39.81
C ASN D 170 -6.66 -2.32 -38.81
N ASN D 171 -6.96 -2.47 -37.52
CA ASN D 171 -6.54 -1.53 -36.43
C ASN D 171 -7.44 -0.31 -36.43
N LYS D 172 -8.64 -0.43 -36.98
CA LYS D 172 -9.63 0.67 -36.96
C LYS D 172 -10.71 0.33 -35.94
N TYR D 173 -11.55 1.29 -35.60
CA TYR D 173 -12.65 1.05 -34.64
C TYR D 173 -13.98 1.01 -35.37
N ALA D 174 -15.05 0.79 -34.63
CA ALA D 174 -16.42 0.91 -35.13
C ALA D 174 -17.30 1.30 -33.95
N ALA D 175 -18.03 2.40 -34.06
CA ALA D 175 -18.95 2.85 -33.00
C ALA D 175 -20.38 2.75 -33.51
N SER D 176 -21.31 2.66 -32.57
CA SER D 176 -22.76 2.59 -32.86
C SER D 176 -23.50 3.42 -31.83
N SER D 177 -24.35 4.33 -32.28
CA SER D 177 -25.20 5.15 -31.41
C SER D 177 -26.69 4.79 -31.61
N TYR D 178 -27.39 4.53 -30.52
CA TYR D 178 -28.82 4.17 -30.51
C TYR D 178 -29.67 5.32 -29.98
N LEU D 179 -30.65 5.74 -30.77
CA LEU D 179 -31.73 6.65 -30.32
C LEU D 179 -32.99 5.82 -30.09
N SER D 180 -33.44 5.71 -28.84
CA SER D 180 -34.56 4.87 -28.36
C SER D 180 -35.80 5.73 -28.09
N LEU D 181 -36.85 5.57 -28.89
CA LEU D 181 -38.08 6.38 -28.79
C LEU D 181 -39.29 5.53 -29.22
N THR D 182 -40.48 5.83 -28.69
CA THR D 182 -41.71 5.03 -28.95
C THR D 182 -42.38 5.61 -30.19
N PRO D 183 -43.42 4.95 -30.78
CA PRO D 183 -44.00 5.45 -32.02
C PRO D 183 -44.58 6.85 -31.77
N GLU D 184 -45.17 7.06 -30.60
CA GLU D 184 -45.60 8.39 -30.11
C GLU D 184 -44.57 9.43 -30.56
N GLN D 185 -43.36 9.35 -30.01
CA GLN D 185 -42.30 10.38 -30.24
C GLN D 185 -41.91 10.37 -31.72
N TRP D 186 -41.91 9.21 -32.35
CA TRP D 186 -41.40 9.08 -33.75
C TRP D 186 -42.37 9.73 -34.75
N LYS D 187 -43.57 9.16 -34.91
CA LYS D 187 -44.63 9.59 -35.86
C LYS D 187 -44.68 11.12 -36.01
N SER D 188 -44.42 11.86 -34.93
CA SER D 188 -44.57 13.34 -34.87
C SER D 188 -43.50 14.03 -35.73
N HIS D 189 -42.23 13.65 -35.57
CA HIS D 189 -41.08 14.30 -36.26
C HIS D 189 -40.77 13.57 -37.56
N ARG D 190 -40.04 14.22 -38.47
CA ARG D 190 -39.83 13.70 -39.85
C ARG D 190 -38.34 13.51 -40.16
N SER D 191 -37.47 14.41 -39.73
CA SER D 191 -36.04 14.42 -40.14
C SER D 191 -35.16 13.96 -38.99
N TYR D 192 -34.51 12.81 -39.14
CA TYR D 192 -33.59 12.25 -38.13
C TYR D 192 -32.19 12.18 -38.69
N SER D 193 -31.19 12.61 -37.93
CA SER D 193 -29.83 12.72 -38.52
C SER D 193 -28.72 12.52 -37.52
N CYS D 194 -27.57 12.21 -38.10
CA CYS D 194 -26.28 12.04 -37.43
C CYS D 194 -25.30 13.07 -37.98
N GLN D 195 -24.95 14.03 -37.15
CA GLN D 195 -23.71 14.83 -37.36
C GLN D 195 -22.57 14.06 -36.70
N VAL D 196 -21.54 13.73 -37.47
CA VAL D 196 -20.34 13.03 -36.96
C VAL D 196 -19.11 13.85 -37.35
N THR D 197 -18.24 14.08 -36.40
CA THR D 197 -16.98 14.80 -36.64
C THR D 197 -15.84 13.93 -36.11
N HIS D 198 -14.78 13.79 -36.88
CA HIS D 198 -13.64 12.90 -36.56
C HIS D 198 -12.34 13.70 -36.66
N GLU D 199 -11.61 13.53 -37.72
CA GLU D 199 -10.29 14.17 -37.88
C GLU D 199 -9.88 14.03 -39.34
N GLY D 200 -9.90 12.78 -39.84
CA GLY D 200 -9.92 12.48 -41.27
C GLY D 200 -11.00 13.31 -41.93
N SER D 201 -12.15 13.45 -41.27
CA SER D 201 -13.28 14.26 -41.78
C SER D 201 -12.92 15.74 -41.68
N THR D 202 -13.06 16.45 -42.78
CA THR D 202 -12.81 17.90 -42.89
C THR D 202 -13.90 18.66 -42.12
N VAL D 203 -15.16 18.32 -42.37
CA VAL D 203 -16.34 19.06 -41.83
C VAL D 203 -17.22 18.06 -41.06
N GLU D 204 -18.15 18.60 -40.26
CA GLU D 204 -19.42 17.92 -39.86
C GLU D 204 -19.92 17.07 -41.04
N LYS D 205 -19.92 15.74 -40.91
CA LYS D 205 -20.48 14.83 -41.95
C LYS D 205 -21.86 14.35 -41.46
N THR D 206 -22.91 14.60 -42.24
CA THR D 206 -24.31 14.44 -41.80
C THR D 206 -24.99 13.33 -42.62
N VAL D 207 -25.75 12.45 -41.98
CA VAL D 207 -26.57 11.46 -42.72
C VAL D 207 -27.94 11.34 -42.06
N ALA D 208 -29.00 11.24 -42.88
CA ALA D 208 -30.40 11.40 -42.43
C ALA D 208 -31.39 10.63 -43.32
N PRO D 209 -32.44 10.02 -42.75
CA PRO D 209 -33.65 9.69 -43.50
C PRO D 209 -34.89 10.53 -43.17
N THR D 210 -36.07 9.96 -43.46
CA THR D 210 -37.40 10.54 -43.14
C THR D 210 -38.42 9.43 -42.85
C1 NAG E . 0.64 -26.33 13.47
C2 NAG E . 0.07 -26.76 12.12
C3 NAG E . -1.19 -27.59 12.35
C4 NAG E . -0.77 -28.84 13.11
C5 NAG E . -0.04 -28.47 14.41
C6 NAG E . 0.57 -29.71 15.05
C7 NAG E . 0.48 -25.51 10.06
C8 NAG E . 0.00 -24.38 9.19
N2 NAG E . -0.21 -25.66 11.20
O3 NAG E . -1.77 -27.95 11.08
O4 NAG E . -1.91 -29.64 13.41
O5 NAG E . 1.01 -27.53 14.17
O6 NAG E . 1.50 -29.30 16.08
O7 NAG E . 1.41 -26.23 9.74
C1 NAG F . 18.23 -14.86 27.45
C2 NAG F . 19.39 -15.15 28.38
C3 NAG F . 20.35 -16.16 27.79
C4 NAG F . 19.63 -17.33 27.14
C5 NAG F . 18.48 -16.84 26.27
C6 NAG F . 17.68 -17.95 25.62
C7 NAG F . 19.85 -13.16 29.78
C8 NAG F . 20.61 -11.87 29.84
N2 NAG F . 20.07 -13.90 28.67
O3 NAG F . 21.20 -16.64 28.84
O4 NAG F . 20.59 -18.07 26.37
O5 NAG F . 17.59 -16.07 27.07
O6 NAG F . 16.61 -17.37 24.86
O7 NAG F . 19.08 -13.51 30.66
C1 NAG G . 1.06 -14.38 19.78
C2 NAG G . 0.03 -15.37 20.44
C3 NAG G . -1.43 -14.86 20.46
C4 NAG G . -1.54 -13.63 21.32
C5 NAG G . -0.47 -12.63 20.93
C6 NAG G . -0.26 -11.62 22.04
C7 NAG G . 0.00 -17.84 20.56
C8 NAG G . 0.07 -19.09 19.72
N2 NAG G . -0.06 -16.72 19.86
O3 NAG G . -2.32 -15.87 20.97
O4 NAG G . -2.83 -13.04 21.13
O5 NAG G . 0.83 -13.22 20.65
O6 NAG G . 0.49 -10.49 21.55
O7 NAG G . 0.00 -17.85 21.77
C1 NAG H . 8.74 13.26 28.20
C2 NAG H . 9.68 14.47 28.09
C3 NAG H . 9.04 15.72 28.68
C4 NAG H . 7.58 15.89 28.24
C5 NAG H . 6.81 14.59 28.41
C6 NAG H . 5.38 14.71 27.91
C7 NAG H . 12.13 14.41 28.25
C8 NAG H . 13.31 13.99 29.07
N2 NAG H . 10.93 14.19 28.78
O3 NAG H . 9.80 16.85 28.27
O4 NAG H . 6.97 16.90 29.04
O5 NAG H . 7.47 13.57 27.67
O6 NAG H . 5.32 14.22 26.57
O7 NAG H . 12.28 14.90 27.14
C1 NAG I . 6.18 -6.03 37.96
C2 NAG I . 5.08 -6.54 38.89
C3 NAG I . 5.06 -8.06 38.88
C4 NAG I . 6.41 -8.67 39.26
C5 NAG I . 7.56 -7.78 38.83
C6 NAG I . 8.78 -8.60 38.46
C7 NAG I . 4.40 -5.08 40.76
C8 NAG I . 4.73 -4.58 42.14
N2 NAG I . 5.24 -6.00 40.24
O3 NAG I . 4.72 -8.54 37.56
O4 NAG I . 6.45 -8.87 40.67
O5 NAG I . 7.15 -7.02 37.68
O6 NAG I . 9.95 -7.78 38.51
O7 NAG I . 3.42 -4.66 40.16
C1 NAG J . 6.08 18.47 39.30
C2 NAG J . 5.14 17.39 39.67
C3 NAG J . 3.81 18.13 39.46
C4 NAG J . 3.73 19.31 40.44
C5 NAG J . 4.97 20.21 40.29
C6 NAG J . 5.11 21.36 41.28
C7 NAG J . 5.85 15.12 39.18
C8 NAG J . 5.82 13.99 38.20
N2 NAG J . 5.28 16.26 38.78
O3 NAG J . 2.67 17.26 39.57
O4 NAG J . 2.51 20.06 40.26
O5 NAG J . 6.07 19.36 40.41
O6 NAG J . 6.46 21.57 41.72
O7 NAG J . 6.35 15.00 40.30
C1 NAG K . 4.18 8.83 46.93
C2 NAG K . 3.25 10.03 47.19
C3 NAG K . 1.90 9.48 47.68
C4 NAG K . 1.32 8.50 46.66
C5 NAG K . 2.36 7.47 46.22
C6 NAG K . 1.87 6.62 45.04
C7 NAG K . 3.88 12.29 47.94
C8 NAG K . 4.54 13.10 49.01
N2 NAG K . 3.80 10.97 48.16
O3 NAG K . 0.96 10.55 47.89
O4 NAG K . 0.19 7.81 47.24
O5 NAG K . 3.54 8.16 45.85
O6 NAG K . 2.29 5.27 45.25
O7 NAG K . 3.45 12.82 46.92
C1 NAG L . 27.50 13.44 43.93
C2 NAG L . 28.91 13.91 43.60
C3 NAG L . 29.90 12.97 44.27
C4 NAG L . 29.68 13.07 45.78
C5 NAG L . 28.24 12.70 46.13
C6 NAG L . 27.94 12.98 47.60
C7 NAG L . 28.88 15.07 41.47
C8 NAG L . 29.22 15.01 40.00
N2 NAG L . 29.15 13.97 42.17
O3 NAG L . 31.24 13.32 43.92
O4 NAG L . 30.61 12.20 46.45
O5 NAG L . 27.31 13.47 45.35
O6 NAG L . 27.86 14.39 47.84
O7 NAG L . 28.40 16.08 41.99
C1 NAG M . 19.83 7.27 52.37
C2 NAG M . 20.76 8.48 52.15
C3 NAG M . 20.77 9.50 53.29
C4 NAG M . 19.38 9.69 53.88
C5 NAG M . 18.94 8.31 54.32
C6 NAG M . 17.76 8.29 55.30
C7 NAG M . 22.62 7.78 50.68
C8 NAG M . 24.04 7.29 50.64
N2 NAG M . 22.13 8.02 51.90
O3 NAG M . 21.24 10.75 52.80
O4 NAG M . 19.38 10.63 54.96
O5 NAG M . 18.64 7.60 53.12
O6 NAG M . 18.26 8.54 56.63
O7 NAG M . 21.98 7.91 49.64
C1 NAG N . 3.99 8.70 31.06
C2 NAG N . 3.26 7.60 30.29
C3 NAG N . 1.78 7.94 30.04
C4 NAG N . 1.12 8.57 31.25
C5 NAG N . 2.00 9.64 31.88
C6 NAG N . 1.37 10.24 33.13
C7 NAG N . 4.67 6.25 28.77
C8 NAG N . 5.27 6.19 27.40
N2 NAG N . 3.93 7.35 29.02
O3 NAG N . 1.10 6.72 29.73
O4 NAG N . -0.13 9.15 30.86
O5 NAG N . 3.26 9.07 32.23
O6 NAG N . 0.53 9.30 33.80
O7 NAG N . 4.86 5.38 29.62
#